data_6UYH
#
_entry.id   6UYH
#
_cell.length_a   157.290
_cell.length_b   66.540
_cell.length_c   112.560
_cell.angle_alpha   90.00
_cell.angle_beta   101.74
_cell.angle_gamma   90.00
#
_symmetry.space_group_name_H-M   'C 1 2 1'
#
loop_
_entity.id
_entity.type
_entity.pdbx_description
1 polymer 'Prolyl-tRNA synthetase'
2 non-polymer 'PHOSPHOAMINOPHOSPHONIC ACID-ADENYLATE ESTER'
3 non-polymer 7-bromo-6-chloro-3-{3-[(2R,3S)-3-hydroxypiperidin-2-yl]-2-oxopropyl}quinazolin-4(3H)-one
4 non-polymer 'MAGNESIUM ION'
5 non-polymer 1,2-ETHANEDIOL
6 non-polymer 'SULFATE ION'
7 water water
#
_entity_poly.entity_id   1
_entity_poly.type   'polypeptide(L)'
_entity_poly.pdbx_seq_one_letter_code
;MAHHHHHHKQNEGIDVKKQENFSEWYSQVITKSEFLDYYDVSGCYIFRPNCWFVWESVQKFFDAEIKKLGVQNVMFPLFV
TKRALETEKDHVEGFSPEVAWVTKSGNSDLQEPIALRPTSETIMYPSYAKWIQSHRDLPLKLNQWTNVVRWEFKHAVPFI
RSREFYWQEGHSAFKSKEEADEEVFTILELYKRVYEELLAVPVIKGTKTENEKFAGADYTTTVETFIATNGRAVQGGTSH
HLGQNFSKMFKIQFEAENKETQFAYQNSWGLSTRTLGVMIMVHGDDKGMVLPPRVAFCQVVVIPLIFKDKDNATLVEKTK
EIYNELEKAGIRVKLDDRLERTPGWKYNYWELRGVPLRIEVGPKDLEKQQIMLCRRDTGEKWTMPLSEFSGDSIKAVLDK
IHDSMLNKARKEMNERIVVTRTWPEFIKALNSGNMCLIPWHESKAAEEYIKEKSKLESVQSQSDANTGLTGAAKSLCVPL
DQSSFPSLEGLENFYPEEAHKKPNCWALFGRSY
;
_entity_poly.pdbx_strand_id   A,B
#
# COMPACT_ATOMS: atom_id res chain seq x y z
N GLU A 12 11.39 -20.02 21.00
CA GLU A 12 12.21 -20.00 22.22
C GLU A 12 13.66 -19.66 21.89
N GLY A 13 14.24 -20.36 20.90
CA GLY A 13 15.64 -20.14 20.57
C GLY A 13 15.98 -20.67 19.20
N ILE A 14 17.07 -20.12 18.66
CA ILE A 14 17.65 -20.63 17.41
C ILE A 14 18.50 -21.84 17.79
N ASP A 15 18.20 -23.00 17.22
CA ASP A 15 18.86 -24.25 17.55
CA ASP A 15 18.94 -24.20 17.60
C ASP A 15 19.91 -24.65 16.52
N VAL A 16 20.11 -23.84 15.48
CA VAL A 16 21.09 -24.12 14.43
C VAL A 16 21.88 -22.83 14.20
N LYS A 17 23.20 -22.94 14.19
CA LYS A 17 24.05 -21.76 14.07
C LYS A 17 24.12 -21.27 12.63
N LYS A 18 24.32 -19.95 12.49
CA LYS A 18 24.41 -19.34 11.17
C LYS A 18 25.52 -19.97 10.35
N GLN A 19 26.61 -20.34 11.00
CA GLN A 19 27.74 -20.94 10.31
CA GLN A 19 27.79 -20.96 10.40
C GLN A 19 27.63 -22.45 10.13
N GLU A 20 26.61 -23.10 10.69
CA GLU A 20 26.42 -24.54 10.56
C GLU A 20 25.58 -24.90 9.34
N ASN A 21 24.44 -24.23 9.19
CA ASN A 21 23.50 -24.54 8.11
C ASN A 21 22.74 -23.24 7.85
N PHE A 22 23.18 -22.50 6.83
CA PHE A 22 22.68 -21.14 6.65
C PHE A 22 21.20 -21.13 6.34
N SER A 23 20.72 -22.10 5.55
CA SER A 23 19.31 -22.05 5.17
C SER A 23 18.41 -22.43 6.33
N GLU A 24 18.84 -23.37 7.17
CA GLU A 24 18.04 -23.73 8.34
C GLU A 24 18.07 -22.63 9.38
N TRP A 25 19.24 -22.02 9.61
CA TRP A 25 19.34 -20.84 10.47
C TRP A 25 18.38 -19.75 10.03
N TYR A 26 18.37 -19.45 8.73
CA TYR A 26 17.52 -18.39 8.19
C TYR A 26 16.05 -18.69 8.42
N SER A 27 15.65 -19.93 8.16
CA SER A 27 14.26 -20.31 8.41
C SER A 27 13.90 -20.13 9.86
N GLN A 28 14.76 -20.55 10.79
CA GLN A 28 14.46 -20.42 12.21
C GLN A 28 14.41 -18.96 12.62
N VAL A 29 15.31 -18.12 12.10
CA VAL A 29 15.33 -16.73 12.53
C VAL A 29 14.10 -15.97 12.02
N ILE A 30 13.71 -16.19 10.76
CA ILE A 30 12.61 -15.39 10.24
C ILE A 30 11.27 -15.82 10.86
N THR A 31 11.13 -17.09 11.24
CA THR A 31 9.87 -17.55 11.82
C THR A 31 9.80 -17.28 13.32
N LYS A 32 10.86 -17.62 14.06
CA LYS A 32 10.81 -17.51 15.51
C LYS A 32 10.86 -16.06 15.97
N SER A 33 11.39 -15.15 15.14
CA SER A 33 11.30 -13.74 15.44
C SER A 33 9.92 -13.15 15.17
N GLU A 34 8.97 -13.96 14.68
CA GLU A 34 7.65 -13.50 14.26
C GLU A 34 7.71 -12.53 13.07
N PHE A 35 8.73 -12.67 12.22
CA PHE A 35 8.76 -11.87 11.01
C PHE A 35 7.89 -12.46 9.91
N LEU A 36 7.96 -13.78 9.73
CA LEU A 36 7.44 -14.40 8.53
C LEU A 36 6.81 -15.74 8.88
N ASP A 37 5.80 -16.13 8.11
CA ASP A 37 5.35 -17.51 8.16
C ASP A 37 5.26 -18.07 6.75
N TYR A 38 5.41 -19.40 6.66
CA TYR A 38 5.23 -20.11 5.41
C TYR A 38 3.75 -20.28 5.09
N TYR A 39 3.48 -20.66 3.82
CA TYR A 39 2.13 -20.65 3.27
C TYR A 39 1.99 -21.86 2.34
N ASP A 40 0.76 -22.19 1.97
CA ASP A 40 0.52 -23.39 1.19
C ASP A 40 0.47 -23.14 -0.32
N VAL A 41 0.87 -21.96 -0.77
CA VAL A 41 1.17 -21.71 -2.17
C VAL A 41 2.67 -21.49 -2.24
N SER A 42 3.36 -22.35 -2.99
CA SER A 42 4.82 -22.35 -2.97
C SER A 42 5.38 -20.99 -3.40
N GLY A 43 6.39 -20.53 -2.67
CA GLY A 43 7.06 -19.29 -3.00
C GLY A 43 6.34 -18.04 -2.55
N CYS A 44 5.29 -18.17 -1.76
CA CYS A 44 4.57 -17.04 -1.21
C CYS A 44 4.68 -17.10 0.32
N TYR A 45 4.81 -15.94 0.95
CA TYR A 45 5.07 -15.88 2.38
C TYR A 45 4.17 -14.85 3.03
N ILE A 46 3.95 -15.04 4.33
CA ILE A 46 3.14 -14.15 5.16
C ILE A 46 4.06 -13.17 5.87
N PHE A 47 3.82 -11.86 5.71
CA PHE A 47 4.61 -10.81 6.35
C PHE A 47 3.88 -10.39 7.62
N ARG A 48 4.43 -10.75 8.77
CA ARG A 48 3.81 -10.47 10.06
C ARG A 48 4.12 -9.02 10.50
N PRO A 49 3.49 -8.52 11.57
CA PRO A 49 3.59 -7.08 11.87
C PRO A 49 5.00 -6.52 11.98
N ASN A 50 5.89 -7.17 12.72
CA ASN A 50 7.23 -6.62 12.93
C ASN A 50 8.01 -6.59 11.62
N CYS A 51 7.67 -7.48 10.72
CA CYS A 51 8.30 -7.55 9.41
C CYS A 51 7.75 -6.48 8.47
N TRP A 52 6.42 -6.40 8.37
CA TRP A 52 5.81 -5.40 7.49
C TRP A 52 6.18 -4.00 7.93
N PHE A 53 6.38 -3.79 9.23
CA PHE A 53 6.84 -2.49 9.72
C PHE A 53 8.12 -2.03 9.02
N VAL A 54 9.04 -2.95 8.76
CA VAL A 54 10.28 -2.58 8.06
C VAL A 54 9.95 -2.05 6.68
N TRP A 55 9.08 -2.73 5.94
CA TRP A 55 8.77 -2.28 4.59
C TRP A 55 8.01 -0.95 4.62
N GLU A 56 7.10 -0.78 5.58
CA GLU A 56 6.44 0.52 5.72
C GLU A 56 7.44 1.63 6.00
N SER A 57 8.49 1.33 6.77
CA SER A 57 9.52 2.32 7.09
C SER A 57 10.29 2.71 5.83
N VAL A 58 10.60 1.72 5.00
CA VAL A 58 11.24 2.00 3.72
C VAL A 58 10.34 2.88 2.87
N GLN A 59 9.04 2.53 2.79
CA GLN A 59 8.08 3.31 2.02
CA GLN A 59 8.12 3.32 1.99
C GLN A 59 8.06 4.77 2.46
N LYS A 60 7.99 4.98 3.78
CA LYS A 60 7.86 6.34 4.30
C LYS A 60 9.08 7.18 3.92
N PHE A 61 10.28 6.61 4.10
CA PHE A 61 11.51 7.29 3.75
C PHE A 61 11.59 7.56 2.25
N PHE A 62 11.36 6.52 1.44
CA PHE A 62 11.54 6.66 0.00
C PHE A 62 10.52 7.64 -0.58
N ASP A 63 9.25 7.53 -0.15
CA ASP A 63 8.22 8.46 -0.59
C ASP A 63 8.61 9.90 -0.32
N ALA A 64 9.12 10.17 0.89
CA ALA A 64 9.47 11.55 1.20
C ALA A 64 10.62 12.04 0.32
N GLU A 65 11.57 11.16 -0.02
CA GLU A 65 12.70 11.57 -0.85
C GLU A 65 12.28 11.77 -2.31
N ILE A 66 11.43 10.90 -2.85
CA ILE A 66 11.06 11.07 -4.25
C ILE A 66 10.05 12.20 -4.42
N LYS A 67 9.32 12.55 -3.36
CA LYS A 67 8.43 13.71 -3.46
C LYS A 67 9.23 14.99 -3.74
N LYS A 68 10.41 15.11 -3.15
CA LYS A 68 11.28 16.26 -3.39
C LYS A 68 11.72 16.35 -4.84
N LEU A 69 11.71 15.23 -5.56
CA LEU A 69 12.06 15.19 -6.97
C LEU A 69 10.88 15.45 -7.88
N GLY A 70 9.68 15.57 -7.32
CA GLY A 70 8.49 15.76 -8.13
C GLY A 70 7.83 14.49 -8.59
N VAL A 71 8.20 13.35 -8.01
CA VAL A 71 7.56 12.09 -8.39
C VAL A 71 6.23 12.00 -7.67
N GLN A 72 5.21 11.47 -8.35
CA GLN A 72 3.88 11.32 -7.77
C GLN A 72 3.44 9.86 -7.74
N ASN A 73 2.73 9.46 -6.68
CA ASN A 73 2.27 8.08 -6.58
C ASN A 73 0.97 7.88 -7.34
N VAL A 74 0.83 6.71 -7.95
CA VAL A 74 -0.34 6.31 -8.73
C VAL A 74 -0.69 4.87 -8.37
N MET A 75 -1.74 4.35 -9.02
CA MET A 75 -1.97 2.90 -8.98
C MET A 75 -2.56 2.45 -10.30
N PHE A 76 -1.79 1.66 -11.04
CA PHE A 76 -2.24 1.01 -12.27
C PHE A 76 -2.70 -0.41 -11.96
N PRO A 77 -3.40 -1.06 -12.90
CA PRO A 77 -4.03 -2.35 -12.59
C PRO A 77 -3.06 -3.52 -12.47
N LEU A 78 -3.54 -4.55 -11.75
CA LEU A 78 -2.83 -5.82 -11.60
C LEU A 78 -2.86 -6.63 -12.88
N PHE A 79 -3.90 -6.47 -13.70
CA PHE A 79 -4.09 -7.29 -14.88
C PHE A 79 -3.50 -6.62 -16.10
N VAL A 80 -2.98 -7.43 -17.01
CA VAL A 80 -2.44 -6.92 -18.28
C VAL A 80 -2.87 -7.88 -19.38
N THR A 81 -3.23 -7.31 -20.54
CA THR A 81 -3.64 -8.15 -21.65
C THR A 81 -2.43 -8.81 -22.32
N LYS A 82 -2.72 -9.93 -22.99
CA LYS A 82 -1.70 -10.56 -23.83
C LYS A 82 -1.20 -9.59 -24.89
N ARG A 83 -2.12 -8.83 -25.50
CA ARG A 83 -1.75 -7.87 -26.54
C ARG A 83 -0.74 -6.86 -26.01
N ALA A 84 -1.00 -6.29 -24.82
CA ALA A 84 -0.10 -5.31 -24.24
C ALA A 84 1.24 -5.95 -23.88
N LEU A 85 1.20 -7.08 -23.19
CA LEU A 85 2.41 -7.74 -22.76
C LEU A 85 3.33 -8.06 -23.93
N GLU A 86 2.76 -8.56 -25.03
CA GLU A 86 3.53 -8.97 -26.21
C GLU A 86 3.96 -7.79 -27.07
N THR A 87 3.62 -6.56 -26.69
CA THR A 87 4.12 -5.39 -27.40
C THR A 87 5.64 -5.32 -27.34
N GLU A 88 6.23 -5.71 -26.22
CA GLU A 88 7.68 -5.68 -26.07
C GLU A 88 8.41 -6.54 -27.11
N GLU A 93 8.62 -14.18 -24.98
CA GLU A 93 9.78 -14.97 -25.36
C GLU A 93 10.60 -15.38 -24.13
N GLY A 94 11.57 -14.54 -23.76
CA GLY A 94 12.49 -14.92 -22.71
C GLY A 94 11.83 -15.04 -21.35
N PHE A 95 10.89 -14.15 -21.05
CA PHE A 95 10.21 -14.13 -19.77
C PHE A 95 8.87 -14.87 -19.80
N SER A 96 8.41 -15.29 -20.97
CA SER A 96 7.05 -15.83 -21.10
CA SER A 96 7.05 -15.82 -21.08
C SER A 96 6.77 -17.00 -20.15
N PRO A 97 7.72 -17.89 -19.85
CA PRO A 97 7.41 -18.96 -18.88
C PRO A 97 7.12 -18.48 -17.47
N GLU A 98 7.51 -17.25 -17.11
CA GLU A 98 7.29 -16.74 -15.75
C GLU A 98 5.96 -16.00 -15.58
N VAL A 99 5.18 -15.83 -16.65
CA VAL A 99 3.92 -15.07 -16.57
C VAL A 99 2.82 -15.97 -16.01
N ALA A 100 2.09 -15.46 -15.01
CA ALA A 100 0.93 -16.16 -14.46
C ALA A 100 -0.33 -15.70 -15.18
N TRP A 101 -1.16 -16.66 -15.61
CA TRP A 101 -2.33 -16.38 -16.44
C TRP A 101 -3.62 -16.71 -15.70
N VAL A 102 -4.53 -15.74 -15.68
CA VAL A 102 -5.91 -15.96 -15.24
C VAL A 102 -6.69 -16.49 -16.43
N THR A 103 -7.28 -17.68 -16.29
CA THR A 103 -8.00 -18.26 -17.42
C THR A 103 -9.42 -18.69 -17.11
N LYS A 104 -9.87 -18.56 -15.87
CA LYS A 104 -11.20 -19.02 -15.51
C LYS A 104 -11.81 -18.07 -14.49
N SER A 105 -13.13 -17.94 -14.54
CA SER A 105 -13.91 -17.32 -13.49
C SER A 105 -14.96 -18.34 -13.07
N GLY A 106 -15.05 -18.59 -11.77
CA GLY A 106 -15.92 -19.67 -11.31
C GLY A 106 -15.48 -20.97 -11.93
N ASN A 107 -16.42 -21.67 -12.58
CA ASN A 107 -16.13 -22.92 -13.27
C ASN A 107 -16.01 -22.76 -14.78
N SER A 108 -16.04 -21.54 -15.28
CA SER A 108 -16.10 -21.26 -16.72
C SER A 108 -14.78 -20.68 -17.22
N ASP A 109 -14.34 -21.16 -18.38
CA ASP A 109 -13.18 -20.57 -19.04
C ASP A 109 -13.49 -19.15 -19.47
N LEU A 110 -12.52 -18.25 -19.30
CA LEU A 110 -12.64 -16.92 -19.87
C LEU A 110 -12.43 -16.97 -21.38
N GLN A 111 -13.18 -16.14 -22.12
CA GLN A 111 -12.89 -16.02 -23.55
C GLN A 111 -11.52 -15.39 -23.77
N GLU A 112 -11.10 -14.51 -22.86
CA GLU A 112 -9.82 -13.80 -22.98
C GLU A 112 -8.99 -13.95 -21.71
N PRO A 113 -8.03 -14.88 -21.69
CA PRO A 113 -7.08 -14.93 -20.57
C PRO A 113 -6.31 -13.62 -20.43
N ILE A 114 -6.06 -13.25 -19.18
CA ILE A 114 -5.30 -12.05 -18.86
C ILE A 114 -4.20 -12.43 -17.88
N ALA A 115 -3.13 -11.65 -17.87
CA ALA A 115 -1.97 -11.98 -17.07
C ALA A 115 -1.86 -11.10 -15.83
N LEU A 116 -1.12 -11.60 -14.84
CA LEU A 116 -0.81 -10.83 -13.64
C LEU A 116 0.50 -10.06 -13.84
N ARG A 117 0.49 -8.81 -13.41
CA ARG A 117 1.58 -7.84 -13.42
C ARG A 117 2.91 -8.46 -13.03
N PRO A 118 3.86 -8.57 -13.97
CA PRO A 118 5.23 -8.98 -13.59
C PRO A 118 6.17 -7.79 -13.46
N THR A 119 5.66 -6.64 -13.91
CA THR A 119 6.27 -5.32 -13.98
C THR A 119 5.31 -4.51 -14.84
N SER A 120 5.35 -3.17 -14.81
CA SER A 120 4.25 -2.39 -15.36
C SER A 120 4.58 -1.57 -16.61
N GLU A 121 5.72 -1.79 -17.28
CA GLU A 121 6.01 -1.04 -18.50
C GLU A 121 4.87 -1.12 -19.51
N THR A 122 4.38 -2.33 -19.79
CA THR A 122 3.36 -2.50 -20.83
C THR A 122 1.97 -2.11 -20.34
N ILE A 123 1.81 -1.96 -19.02
CA ILE A 123 0.56 -1.51 -18.41
C ILE A 123 0.47 0.01 -18.43
N MET A 124 1.60 0.70 -18.26
CA MET A 124 1.64 2.15 -18.08
C MET A 124 1.94 2.92 -19.36
N TYR A 125 2.75 2.38 -20.26
CA TYR A 125 3.28 3.25 -21.31
C TYR A 125 2.26 3.60 -22.39
N PRO A 126 1.19 2.82 -22.63
CA PRO A 126 0.12 3.35 -23.48
C PRO A 126 -0.51 4.62 -22.92
N SER A 127 -0.66 4.71 -21.59
CA SER A 127 -1.14 5.94 -20.98
C SER A 127 -0.14 7.07 -21.13
N TYR A 128 1.15 6.76 -20.99
CA TYR A 128 2.18 7.79 -21.17
C TYR A 128 2.10 8.39 -22.57
N ALA A 129 1.84 7.55 -23.57
CA ALA A 129 1.72 8.06 -24.94
C ALA A 129 0.53 8.99 -25.08
N LYS A 130 -0.53 8.74 -24.31
CA LYS A 130 -1.71 9.60 -24.33
C LYS A 130 -1.45 10.90 -23.59
N TRP A 131 -0.81 10.83 -22.43
CA TRP A 131 -0.67 11.98 -21.54
C TRP A 131 0.39 12.96 -22.01
N ILE A 132 1.42 12.50 -22.71
CA ILE A 132 2.50 13.35 -23.16
C ILE A 132 2.20 13.81 -24.59
N GLN A 133 2.05 15.11 -24.77
CA GLN A 133 1.75 15.65 -26.09
C GLN A 133 2.71 16.76 -26.48
N SER A 134 3.20 17.51 -25.49
CA SER A 134 4.17 18.56 -25.74
C SER A 134 5.20 18.55 -24.63
N HIS A 135 6.28 19.32 -24.83
CA HIS A 135 7.33 19.42 -23.82
C HIS A 135 6.81 19.96 -22.50
N ARG A 136 5.67 20.67 -22.51
CA ARG A 136 5.06 21.14 -21.28
C ARG A 136 4.53 20.01 -20.43
N ASP A 137 4.35 18.82 -21.00
CA ASP A 137 3.93 17.65 -20.24
C ASP A 137 5.09 16.91 -19.60
N LEU A 138 6.31 17.38 -19.81
CA LEU A 138 7.50 16.70 -19.32
C LEU A 138 8.24 17.58 -18.32
N PRO A 139 8.90 16.98 -17.31
CA PRO A 139 8.96 15.54 -17.10
C PRO A 139 7.69 14.97 -16.48
N LEU A 140 7.42 13.71 -16.79
CA LEU A 140 6.36 12.94 -16.15
C LEU A 140 7.03 11.87 -15.30
N LYS A 141 6.75 11.87 -14.00
CA LYS A 141 7.47 11.02 -13.06
C LYS A 141 6.46 10.39 -12.11
N LEU A 142 6.20 9.10 -12.28
CA LEU A 142 5.19 8.40 -11.50
C LEU A 142 5.81 7.21 -10.79
N ASN A 143 5.22 6.83 -9.66
CA ASN A 143 5.71 5.73 -8.84
C ASN A 143 4.50 4.96 -8.32
N GLN A 144 4.66 3.66 -8.13
CA GLN A 144 3.60 2.94 -7.43
C GLN A 144 4.20 1.85 -6.53
N TRP A 145 3.58 1.67 -5.36
CA TRP A 145 3.88 0.61 -4.41
C TRP A 145 2.88 -0.52 -4.63
N THR A 146 3.35 -1.65 -5.14
CA THR A 146 2.44 -2.70 -5.62
C THR A 146 3.00 -4.08 -5.32
N ASN A 147 2.13 -5.08 -5.47
CA ASN A 147 2.58 -6.47 -5.53
C ASN A 147 2.89 -6.88 -6.97
N VAL A 148 3.78 -7.86 -7.10
N VAL A 148 3.78 -7.86 -7.10
CA VAL A 148 4.29 -8.32 -8.38
CA VAL A 148 4.28 -8.32 -8.39
C VAL A 148 4.26 -9.84 -8.36
C VAL A 148 4.29 -9.84 -8.37
N VAL A 149 3.97 -10.47 -9.50
CA VAL A 149 3.90 -11.93 -9.60
C VAL A 149 4.82 -12.39 -10.71
N ARG A 150 5.74 -13.28 -10.37
CA ARG A 150 6.57 -13.96 -11.36
C ARG A 150 6.69 -15.43 -10.98
N TRP A 151 6.36 -16.31 -11.92
CA TRP A 151 6.47 -17.75 -11.65
C TRP A 151 7.94 -18.16 -11.79
N GLU A 152 8.72 -17.78 -10.77
CA GLU A 152 10.16 -18.00 -10.77
C GLU A 152 10.48 -19.47 -10.98
N PHE A 153 11.42 -19.74 -11.91
CA PHE A 153 11.93 -21.09 -12.10
C PHE A 153 12.88 -21.48 -10.98
N LYS A 154 13.70 -20.53 -10.52
CA LYS A 154 14.64 -20.81 -9.45
C LYS A 154 13.90 -21.13 -8.14
N HIS A 155 14.58 -21.89 -7.28
CA HIS A 155 14.05 -22.18 -5.94
C HIS A 155 13.72 -20.88 -5.19
N ALA A 156 12.53 -20.85 -4.58
CA ALA A 156 12.13 -19.65 -3.86
C ALA A 156 12.96 -19.49 -2.57
N VAL A 157 13.19 -18.24 -2.20
CA VAL A 157 13.94 -17.89 -1.00
C VAL A 157 13.14 -16.81 -0.27
N PRO A 158 12.74 -17.01 0.98
CA PRO A 158 11.99 -15.98 1.69
C PRO A 158 12.65 -14.62 1.54
N PHE A 159 11.84 -13.61 1.17
CA PHE A 159 12.22 -12.24 0.88
C PHE A 159 13.07 -12.09 -0.38
N ILE A 160 14.14 -12.89 -0.53
CA ILE A 160 15.09 -12.66 -1.62
C ILE A 160 14.46 -12.96 -2.97
N ARG A 161 13.69 -14.05 -3.05
CA ARG A 161 13.14 -14.51 -4.33
C ARG A 161 11.80 -15.20 -4.04
N SER A 162 10.72 -14.43 -4.12
CA SER A 162 9.39 -14.97 -3.87
C SER A 162 8.55 -14.83 -5.15
N ARG A 163 7.54 -15.69 -5.28
CA ARG A 163 6.72 -15.66 -6.49
C ARG A 163 5.73 -14.50 -6.49
N GLU A 164 5.24 -14.11 -5.32
CA GLU A 164 4.65 -12.79 -5.13
C GLU A 164 5.62 -11.99 -4.29
N PHE A 165 5.94 -10.78 -4.73
CA PHE A 165 6.75 -9.88 -3.91
C PHE A 165 6.17 -8.48 -4.00
N TYR A 166 6.69 -7.59 -3.16
CA TYR A 166 6.20 -6.22 -3.07
C TYR A 166 7.36 -5.29 -3.43
N TRP A 167 7.05 -4.21 -4.16
CA TRP A 167 8.10 -3.29 -4.56
C TRP A 167 7.51 -1.90 -4.73
N GLN A 168 8.37 -0.94 -5.02
CA GLN A 168 7.96 0.26 -5.75
C GLN A 168 8.58 0.17 -7.12
N GLU A 169 7.86 0.63 -8.13
CA GLU A 169 8.43 0.83 -9.45
C GLU A 169 8.16 2.27 -9.88
N GLY A 170 9.23 2.96 -10.28
CA GLY A 170 9.13 4.33 -10.76
C GLY A 170 9.38 4.33 -12.26
N HIS A 171 8.64 5.16 -12.96
CA HIS A 171 8.69 5.26 -14.42
C HIS A 171 8.66 6.75 -14.78
N SER A 172 9.74 7.26 -15.36
CA SER A 172 9.82 8.68 -15.67
C SER A 172 10.09 8.89 -17.15
N ALA A 173 9.60 10.01 -17.66
CA ALA A 173 9.79 10.43 -19.04
C ALA A 173 10.31 11.87 -19.07
N PHE A 174 11.26 12.14 -19.98
CA PHE A 174 11.95 13.42 -20.06
C PHE A 174 12.07 13.87 -21.50
N LYS A 175 12.29 15.18 -21.67
CA LYS A 175 12.52 15.70 -23.00
C LYS A 175 13.95 15.48 -23.49
N SER A 176 14.89 15.21 -22.60
CA SER A 176 16.29 15.11 -23.00
C SER A 176 16.97 13.95 -22.27
N LYS A 177 18.08 13.51 -22.86
CA LYS A 177 18.85 12.42 -22.24
C LYS A 177 19.56 12.90 -20.98
N GLU A 178 20.05 14.14 -20.98
CA GLU A 178 20.75 14.66 -19.80
C GLU A 178 19.85 14.60 -18.58
N GLU A 179 18.60 15.04 -18.71
CA GLU A 179 17.68 14.96 -17.59
C GLU A 179 17.47 13.53 -17.13
N ALA A 180 17.32 12.61 -18.08
CA ALA A 180 17.07 11.22 -17.73
C ALA A 180 18.30 10.61 -17.05
N ASP A 181 19.48 10.81 -17.64
CA ASP A 181 20.73 10.34 -17.02
C ASP A 181 20.82 10.78 -15.56
N GLU A 182 20.54 12.06 -15.31
CA GLU A 182 20.67 12.59 -13.95
C GLU A 182 19.75 11.86 -12.98
N GLU A 183 18.52 11.55 -13.40
CA GLU A 183 17.61 10.86 -12.50
C GLU A 183 18.06 9.44 -12.19
N VAL A 184 18.60 8.72 -13.20
CA VAL A 184 19.07 7.35 -12.96
C VAL A 184 19.97 7.30 -11.73
N PHE A 185 20.95 8.20 -11.68
CA PHE A 185 21.95 8.13 -10.62
C PHE A 185 21.45 8.76 -9.33
N THR A 186 20.51 9.71 -9.43
CA THR A 186 19.81 10.22 -8.25
C THR A 186 19.01 9.12 -7.56
N ILE A 187 18.27 8.32 -8.32
CA ILE A 187 17.51 7.21 -7.72
C ILE A 187 18.48 6.16 -7.19
N LEU A 188 19.56 5.89 -7.92
CA LEU A 188 20.54 4.91 -7.44
C LEU A 188 21.14 5.33 -6.09
N GLU A 189 21.40 6.62 -5.92
CA GLU A 189 21.86 7.12 -4.63
C GLU A 189 20.79 6.95 -3.55
N LEU A 190 19.51 7.12 -3.90
CA LEU A 190 18.46 6.90 -2.92
C LEU A 190 18.40 5.44 -2.49
N TYR A 191 18.63 4.52 -3.43
CA TYR A 191 18.70 3.11 -3.06
C TYR A 191 19.89 2.84 -2.15
N LYS A 192 21.03 3.46 -2.43
CA LYS A 192 22.16 3.36 -1.50
C LYS A 192 21.77 3.87 -0.11
N ARG A 193 21.04 4.98 -0.06
CA ARG A 193 20.65 5.53 1.24
C ARG A 193 19.66 4.61 1.98
N VAL A 194 18.73 3.98 1.25
CA VAL A 194 17.85 3.02 1.91
C VAL A 194 18.66 1.92 2.57
N TYR A 195 19.56 1.29 1.82
CA TYR A 195 20.34 0.21 2.40
C TYR A 195 21.21 0.69 3.55
N GLU A 196 21.94 1.79 3.34
CA GLU A 196 22.95 2.18 4.33
C GLU A 196 22.34 2.93 5.50
N GLU A 197 21.45 3.89 5.25
CA GLU A 197 20.93 4.73 6.32
C GLU A 197 19.77 4.09 7.07
N LEU A 198 18.96 3.26 6.42
CA LEU A 198 17.86 2.57 7.11
CA LEU A 198 17.87 2.57 7.11
C LEU A 198 18.23 1.16 7.56
N LEU A 199 18.84 0.37 6.68
CA LEU A 199 19.10 -1.05 6.93
C LEU A 199 20.51 -1.36 7.39
N ALA A 200 21.40 -0.35 7.43
CA ALA A 200 22.80 -0.51 7.83
C ALA A 200 23.50 -1.58 6.98
N VAL A 201 23.16 -1.66 5.70
CA VAL A 201 23.76 -2.62 4.77
C VAL A 201 24.60 -1.83 3.77
N PRO A 202 25.89 -2.16 3.61
CA PRO A 202 26.72 -1.44 2.64
C PRO A 202 26.45 -1.91 1.22
N VAL A 203 26.67 -1.01 0.26
CA VAL A 203 26.38 -1.31 -1.14
C VAL A 203 27.58 -0.92 -1.99
N ILE A 204 27.59 -1.48 -3.20
CA ILE A 204 28.52 -1.08 -4.26
C ILE A 204 27.69 -0.70 -5.47
N LYS A 205 27.88 0.53 -5.96
CA LYS A 205 27.17 0.99 -7.16
C LYS A 205 27.92 0.57 -8.40
N GLY A 206 27.19 0.13 -9.42
CA GLY A 206 27.85 -0.21 -10.66
C GLY A 206 26.84 -0.29 -11.78
N THR A 207 27.36 -0.47 -12.99
CA THR A 207 26.51 -0.76 -14.14
C THR A 207 26.53 -2.26 -14.41
N LYS A 208 25.41 -2.80 -14.87
CA LYS A 208 25.38 -4.19 -15.27
C LYS A 208 26.00 -4.38 -16.66
N THR A 209 26.53 -5.58 -16.89
CA THR A 209 27.05 -5.92 -18.21
C THR A 209 25.91 -6.11 -19.20
N GLU A 210 26.27 -6.26 -20.48
CA GLU A 210 25.25 -6.39 -21.52
C GLU A 210 24.36 -7.61 -21.27
N ASN A 211 24.93 -8.69 -20.74
CA ASN A 211 24.16 -9.91 -20.52
C ASN A 211 23.20 -9.75 -19.35
N GLU A 212 23.55 -8.97 -18.34
CA GLU A 212 22.73 -8.86 -17.15
C GLU A 212 21.78 -7.67 -17.16
N LYS A 213 21.98 -6.70 -18.05
CA LYS A 213 21.13 -5.53 -18.03
CA LYS A 213 21.12 -5.53 -18.02
C LYS A 213 19.73 -5.87 -18.56
N PHE A 214 18.78 -5.00 -18.25
CA PHE A 214 17.43 -5.13 -18.80
C PHE A 214 17.48 -5.00 -20.32
N ALA A 215 16.94 -6.01 -21.02
CA ALA A 215 16.98 -6.02 -22.47
C ALA A 215 16.33 -4.78 -23.07
N GLY A 216 15.38 -4.18 -22.38
CA GLY A 216 14.81 -2.94 -22.84
C GLY A 216 15.57 -1.68 -22.50
N ALA A 217 16.70 -1.77 -21.82
CA ALA A 217 17.40 -0.57 -21.34
C ALA A 217 18.61 -0.27 -22.21
N ASP A 218 18.92 1.03 -22.34
CA ASP A 218 20.22 1.41 -22.88
C ASP A 218 21.34 1.03 -21.91
N TYR A 219 21.14 1.29 -20.62
CA TYR A 219 22.07 0.82 -19.61
C TYR A 219 21.34 0.66 -18.29
N THR A 220 21.86 -0.24 -17.45
CA THR A 220 21.25 -0.60 -16.17
C THR A 220 22.26 -0.37 -15.05
N THR A 221 21.84 0.33 -14.00
CA THR A 221 22.67 0.49 -12.82
C THR A 221 22.06 -0.33 -11.68
N THR A 222 22.91 -0.72 -10.73
CA THR A 222 22.50 -1.57 -9.63
C THR A 222 23.22 -1.16 -8.36
N VAL A 223 22.63 -1.45 -7.20
CA VAL A 223 23.36 -1.49 -5.94
C VAL A 223 23.55 -2.95 -5.56
N GLU A 224 24.79 -3.39 -5.50
CA GLU A 224 25.11 -4.75 -5.12
C GLU A 224 25.33 -4.83 -3.61
N THR A 225 24.82 -5.91 -3.00
CA THR A 225 25.01 -6.20 -1.59
C THR A 225 25.66 -7.57 -1.47
N PHE A 226 26.14 -7.88 -0.26
CA PHE A 226 26.99 -9.05 -0.08
C PHE A 226 26.61 -9.83 1.18
N ILE A 227 26.45 -11.14 1.03
CA ILE A 227 26.14 -12.02 2.15
C ILE A 227 27.44 -12.75 2.52
N ALA A 228 28.06 -12.33 3.64
CA ALA A 228 29.36 -12.87 4.01
C ALA A 228 29.31 -14.34 4.37
N THR A 229 28.21 -14.83 4.95
CA THR A 229 28.19 -16.20 5.46
C THR A 229 28.47 -17.21 4.36
N ASN A 230 27.81 -17.07 3.21
CA ASN A 230 28.06 -18.00 2.11
C ASN A 230 28.71 -17.32 0.90
N GLY A 231 29.20 -16.09 1.07
CA GLY A 231 29.99 -15.44 0.02
C GLY A 231 29.23 -15.16 -1.25
N ARG A 232 28.00 -14.67 -1.14
CA ARG A 232 27.11 -14.47 -2.28
C ARG A 232 26.65 -13.03 -2.35
N ALA A 233 26.66 -12.47 -3.55
CA ALA A 233 26.12 -11.15 -3.77
C ALA A 233 24.61 -11.24 -3.94
N VAL A 234 23.93 -10.13 -3.64
CA VAL A 234 22.50 -9.99 -3.88
C VAL A 234 22.30 -8.68 -4.64
N GLN A 235 21.64 -8.76 -5.81
CA GLN A 235 21.29 -7.57 -6.57
C GLN A 235 20.21 -6.81 -5.80
N GLY A 236 20.56 -5.64 -5.27
CA GLY A 236 19.74 -5.02 -4.24
C GLY A 236 18.66 -4.06 -4.72
N GLY A 237 18.71 -3.63 -5.98
CA GLY A 237 17.80 -2.64 -6.49
C GLY A 237 18.33 -2.15 -7.83
N THR A 238 17.48 -1.59 -8.68
CA THR A 238 17.86 -1.44 -10.08
C THR A 238 17.37 -0.09 -10.59
N SER A 239 18.21 0.60 -11.38
CA SER A 239 17.79 1.88 -11.96
C SER A 239 18.25 1.93 -13.42
N HIS A 240 17.31 1.93 -14.36
CA HIS A 240 17.56 1.82 -15.79
C HIS A 240 17.42 3.17 -16.47
N HIS A 241 18.32 3.45 -17.41
CA HIS A 241 18.03 4.40 -18.48
C HIS A 241 17.49 3.63 -19.67
N LEU A 242 16.25 3.90 -20.05
CA LEU A 242 15.60 3.18 -21.14
C LEU A 242 15.81 3.87 -22.48
N GLY A 243 16.46 5.03 -22.49
CA GLY A 243 16.63 5.77 -23.72
C GLY A 243 15.29 6.06 -24.36
N GLN A 244 15.23 5.87 -25.69
CA GLN A 244 14.00 5.98 -26.44
C GLN A 244 13.47 4.63 -26.89
N ASN A 245 13.95 3.55 -26.26
CA ASN A 245 13.56 2.20 -26.67
C ASN A 245 12.07 1.96 -26.49
N PHE A 246 11.51 2.37 -25.35
CA PHE A 246 10.09 2.17 -25.10
C PHE A 246 9.25 3.28 -25.71
N SER A 247 9.79 4.50 -25.85
CA SER A 247 9.01 5.56 -26.46
C SER A 247 8.84 5.32 -27.95
N LYS A 248 9.78 4.64 -28.60
CA LYS A 248 9.54 4.24 -29.98
C LYS A 248 8.53 3.11 -30.05
N MET A 249 8.62 2.17 -29.11
CA MET A 249 7.69 1.05 -29.03
C MET A 249 6.25 1.52 -28.84
N PHE A 250 6.04 2.50 -27.95
CA PHE A 250 4.70 2.91 -27.58
C PHE A 250 4.29 4.26 -28.16
N LYS A 251 5.11 4.84 -29.04
CA LYS A 251 4.80 6.14 -29.66
C LYS A 251 4.60 7.21 -28.59
N ILE A 252 5.57 7.33 -27.69
CA ILE A 252 5.55 8.38 -26.66
C ILE A 252 6.35 9.55 -27.24
N GLN A 253 5.62 10.48 -27.87
CA GLN A 253 6.22 11.57 -28.62
C GLN A 253 5.72 12.90 -28.07
N PHE A 254 6.48 13.95 -28.31
CA PHE A 254 6.08 15.27 -27.90
C PHE A 254 6.52 16.29 -28.93
N GLU A 255 5.80 17.40 -28.99
CA GLU A 255 6.24 18.57 -29.74
C GLU A 255 7.27 19.30 -28.89
N ALA A 256 8.53 19.28 -29.33
CA ALA A 256 9.59 19.98 -28.62
C ALA A 256 9.42 21.50 -28.78
N GLU A 257 10.20 22.25 -27.99
CA GLU A 257 10.15 23.71 -28.10
C GLU A 257 10.66 24.18 -29.46
N ASN A 258 11.40 23.35 -30.18
CA ASN A 258 11.86 23.68 -31.53
C ASN A 258 10.83 23.32 -32.59
N LYS A 259 9.62 22.92 -32.19
CA LYS A 259 8.45 22.65 -33.03
C LYS A 259 8.53 21.31 -33.76
N GLU A 260 9.59 20.54 -33.61
CA GLU A 260 9.66 19.20 -34.19
C GLU A 260 9.21 18.16 -33.17
N THR A 261 8.81 16.99 -33.68
CA THR A 261 8.31 15.91 -32.82
C THR A 261 9.46 14.98 -32.47
N GLN A 262 9.62 14.71 -31.18
CA GLN A 262 10.71 13.89 -30.68
C GLN A 262 10.15 12.82 -29.75
N PHE A 263 10.90 11.72 -29.65
CA PHE A 263 10.56 10.65 -28.71
C PHE A 263 11.08 11.00 -27.32
N ALA A 264 10.26 10.73 -26.31
CA ALA A 264 10.68 10.98 -24.94
C ALA A 264 11.82 10.04 -24.53
N TYR A 265 12.66 10.53 -23.64
CA TYR A 265 13.63 9.69 -22.94
C TYR A 265 13.00 9.18 -21.67
N GLN A 266 13.20 7.90 -21.36
CA GLN A 266 12.56 7.28 -20.21
C GLN A 266 13.56 6.55 -19.33
N ASN A 267 13.22 6.47 -18.05
CA ASN A 267 13.86 5.61 -17.06
C ASN A 267 12.80 4.76 -16.38
N SER A 268 13.25 3.65 -15.78
CA SER A 268 12.44 2.97 -14.76
C SER A 268 13.37 2.40 -13.71
N TRP A 269 12.82 2.18 -12.51
CA TRP A 269 13.66 1.81 -11.38
C TRP A 269 12.78 1.12 -10.34
N GLY A 270 13.34 0.11 -9.67
CA GLY A 270 12.55 -0.63 -8.70
C GLY A 270 13.39 -1.13 -7.54
N LEU A 271 12.74 -1.28 -6.38
CA LEU A 271 13.32 -1.75 -5.14
C LEU A 271 12.24 -2.58 -4.46
N SER A 272 12.59 -3.77 -3.94
CA SER A 272 11.58 -4.73 -3.45
C SER A 272 11.82 -5.14 -2.01
N THR A 273 10.92 -6.01 -1.52
CA THR A 273 11.04 -6.63 -0.20
C THR A 273 12.24 -7.58 -0.11
N ARG A 274 12.97 -7.79 -1.20
CA ARG A 274 14.29 -8.40 -1.10
C ARG A 274 15.17 -7.69 -0.07
N THR A 275 14.99 -6.37 0.06
CA THR A 275 15.71 -5.58 1.07
C THR A 275 15.65 -6.23 2.44
N LEU A 276 14.48 -6.74 2.83
CA LEU A 276 14.34 -7.33 4.16
C LEU A 276 15.21 -8.58 4.30
N GLY A 277 15.28 -9.40 3.24
CA GLY A 277 16.11 -10.59 3.29
C GLY A 277 17.58 -10.25 3.43
N VAL A 278 18.05 -9.26 2.68
CA VAL A 278 19.45 -8.83 2.78
C VAL A 278 19.73 -8.37 4.21
N MET A 279 18.84 -7.53 4.75
CA MET A 279 19.00 -7.03 6.11
C MET A 279 19.19 -8.16 7.11
N ILE A 280 18.35 -9.19 7.00
CA ILE A 280 18.40 -10.30 7.94
C ILE A 280 19.65 -11.15 7.73
N MET A 281 19.96 -11.49 6.47
CA MET A 281 21.13 -12.32 6.22
C MET A 281 22.42 -11.61 6.63
N VAL A 282 22.48 -10.28 6.49
CA VAL A 282 23.69 -9.56 6.86
C VAL A 282 23.83 -9.47 8.38
N HIS A 283 22.75 -9.08 9.08
CA HIS A 283 22.85 -8.70 10.49
C HIS A 283 22.42 -9.76 11.48
N GLY A 284 21.60 -10.73 11.09
CA GLY A 284 21.15 -11.74 12.05
C GLY A 284 22.32 -12.53 12.63
N ASP A 285 22.12 -13.05 13.84
CA ASP A 285 23.16 -13.81 14.52
C ASP A 285 22.53 -15.05 15.17
N ASP A 286 23.30 -15.73 16.02
CA ASP A 286 22.85 -17.00 16.57
C ASP A 286 21.84 -16.84 17.69
N LYS A 287 21.58 -15.61 18.13
CA LYS A 287 20.50 -15.35 19.07
C LYS A 287 19.22 -14.90 18.37
N GLY A 288 19.27 -14.67 17.05
CA GLY A 288 18.08 -14.31 16.30
C GLY A 288 18.21 -13.04 15.51
N MET A 289 17.12 -12.28 15.42
CA MET A 289 17.09 -11.06 14.65
CA MET A 289 17.11 -11.06 14.64
C MET A 289 17.96 -9.98 15.29
N VAL A 290 18.53 -9.11 14.45
CA VAL A 290 19.25 -7.92 14.90
C VAL A 290 18.74 -6.76 14.05
N LEU A 291 17.88 -5.90 14.63
CA LEU A 291 17.20 -4.89 13.81
C LEU A 291 17.96 -3.58 13.80
N PRO A 292 18.29 -3.03 12.62
CA PRO A 292 18.78 -1.66 12.56
C PRO A 292 17.78 -0.72 13.19
N PRO A 293 18.23 0.18 14.08
CA PRO A 293 17.28 0.98 14.87
C PRO A 293 16.23 1.74 14.06
N ARG A 294 16.55 2.21 12.85
CA ARG A 294 15.60 3.03 12.13
C ARG A 294 14.46 2.23 11.50
N VAL A 295 14.54 0.91 11.47
CA VAL A 295 13.42 0.11 11.00
C VAL A 295 12.92 -0.87 12.06
N ALA A 296 13.35 -0.70 13.31
CA ALA A 296 12.97 -1.62 14.38
C ALA A 296 11.58 -1.29 14.90
N PHE A 297 10.67 -2.28 14.86
CA PHE A 297 9.30 -2.07 15.36
C PHE A 297 9.32 -1.56 16.80
N CYS A 298 10.27 -2.03 17.58
CA CYS A 298 10.54 -1.52 18.92
C CYS A 298 12.03 -1.22 18.99
N GLN A 299 12.38 0.02 19.32
CA GLN A 299 13.79 0.38 19.40
C GLN A 299 14.39 0.13 20.77
N VAL A 300 13.61 0.32 21.83
CA VAL A 300 14.09 0.20 23.20
C VAL A 300 13.05 -0.55 24.00
N VAL A 301 13.46 -1.61 24.71
CA VAL A 301 12.58 -2.30 25.64
C VAL A 301 13.08 -2.02 27.05
N VAL A 302 12.17 -1.63 27.94
CA VAL A 302 12.49 -1.31 29.34
C VAL A 302 12.02 -2.47 30.19
N ILE A 303 12.92 -3.00 31.02
CA ILE A 303 12.57 -4.16 31.84
C ILE A 303 12.87 -3.86 33.31
N PRO A 304 11.84 -3.78 34.15
CA PRO A 304 12.08 -3.66 35.60
C PRO A 304 12.40 -5.02 36.19
N LEU A 305 13.44 -5.07 37.01
CA LEU A 305 13.84 -6.31 37.69
C LEU A 305 13.10 -6.39 39.02
N ILE A 306 12.28 -7.43 39.18
CA ILE A 306 11.45 -7.59 40.37
C ILE A 306 11.83 -8.85 41.15
N ASN A 312 10.76 -1.31 45.18
CA ASN A 312 9.89 -1.99 44.23
C ASN A 312 8.73 -1.10 43.82
N ALA A 313 8.11 -0.43 44.80
CA ALA A 313 7.05 0.53 44.46
C ALA A 313 7.63 1.74 43.74
N THR A 314 8.75 2.27 44.24
CA THR A 314 9.38 3.42 43.60
C THR A 314 10.08 3.04 42.31
N LEU A 315 10.59 1.81 42.21
CA LEU A 315 11.24 1.37 40.98
C LEU A 315 10.26 1.32 39.82
N VAL A 316 9.01 0.94 40.10
CA VAL A 316 8.00 0.86 39.05
C VAL A 316 7.74 2.24 38.46
N GLU A 317 7.67 3.27 39.31
CA GLU A 317 7.34 4.60 38.82
C GLU A 317 8.49 5.21 38.04
N LYS A 318 9.74 4.94 38.45
CA LYS A 318 10.88 5.41 37.66
C LYS A 318 10.96 4.69 36.33
N THR A 319 10.64 3.39 36.32
CA THR A 319 10.52 2.67 35.06
C THR A 319 9.44 3.28 34.19
N LYS A 320 8.29 3.64 34.78
CA LYS A 320 7.26 4.32 34.02
C LYS A 320 7.74 5.68 33.52
N GLU A 321 8.54 6.37 34.33
CA GLU A 321 9.06 7.67 33.91
C GLU A 321 10.06 7.53 32.77
N ILE A 322 10.89 6.49 32.80
CA ILE A 322 11.80 6.25 31.69
C ILE A 322 11.02 5.96 30.42
N TYR A 323 10.01 5.10 30.52
CA TYR A 323 9.17 4.80 29.36
C TYR A 323 8.55 6.07 28.78
N ASN A 324 7.99 6.92 29.65
CA ASN A 324 7.25 8.07 29.16
C ASN A 324 8.17 9.11 28.51
N GLU A 325 9.38 9.28 29.05
CA GLU A 325 10.27 10.27 28.46
C GLU A 325 10.73 9.84 27.07
N LEU A 326 11.03 8.54 26.90
CA LEU A 326 11.41 8.06 25.59
C LEU A 326 10.24 8.11 24.60
N GLU A 327 9.04 7.74 25.06
CA GLU A 327 7.87 7.81 24.19
C GLU A 327 7.60 9.23 23.73
N LYS A 328 7.73 10.20 24.65
CA LYS A 328 7.51 11.60 24.29
C LYS A 328 8.53 12.08 23.28
N ALA A 329 9.74 11.52 23.30
CA ALA A 329 10.78 11.85 22.35
C ALA A 329 10.62 11.15 21.02
N GLY A 330 9.58 10.34 20.85
CA GLY A 330 9.34 9.68 19.58
C GLY A 330 10.07 8.37 19.40
N ILE A 331 10.67 7.84 20.46
CA ILE A 331 11.33 6.55 20.40
C ILE A 331 10.27 5.45 20.56
N ARG A 332 10.35 4.42 19.71
CA ARG A 332 9.42 3.30 19.81
C ARG A 332 9.86 2.42 20.97
N VAL A 333 9.15 2.53 22.09
CA VAL A 333 9.60 1.96 23.35
C VAL A 333 8.52 1.03 23.88
N LYS A 334 8.94 -0.06 24.50
CA LYS A 334 8.04 -0.98 25.18
C LYS A 334 8.47 -1.13 26.64
N LEU A 335 7.48 -1.34 27.50
CA LEU A 335 7.71 -1.60 28.91
C LEU A 335 7.25 -3.03 29.20
N ASP A 336 8.21 -3.92 29.45
CA ASP A 336 7.89 -5.33 29.69
C ASP A 336 7.90 -5.57 31.20
N ASP A 337 6.74 -5.34 31.83
CA ASP A 337 6.55 -5.62 33.24
C ASP A 337 5.72 -6.88 33.47
N ARG A 338 5.82 -7.85 32.57
CA ARG A 338 5.12 -9.12 32.74
C ARG A 338 5.57 -9.80 34.03
N LEU A 339 4.60 -10.29 34.79
CA LEU A 339 4.88 -10.77 36.14
C LEU A 339 5.49 -12.17 36.15
N GLU A 340 4.91 -13.10 35.39
CA GLU A 340 5.28 -14.50 35.50
C GLU A 340 6.52 -14.89 34.70
N ARG A 341 7.36 -13.94 34.33
CA ARG A 341 8.50 -14.20 33.45
C ARG A 341 9.78 -13.72 34.11
N THR A 342 10.79 -14.58 34.14
CA THR A 342 12.07 -14.19 34.71
C THR A 342 12.75 -13.15 33.83
N PRO A 343 13.63 -12.31 34.39
CA PRO A 343 14.36 -11.34 33.57
C PRO A 343 15.09 -11.97 32.40
N GLY A 344 15.81 -13.07 32.63
CA GLY A 344 16.54 -13.71 31.54
C GLY A 344 15.63 -14.20 30.43
N TRP A 345 14.44 -14.70 30.79
CA TRP A 345 13.46 -15.09 29.79
C TRP A 345 13.04 -13.89 28.95
N LYS A 346 12.82 -12.74 29.60
CA LYS A 346 12.48 -11.53 28.86
C LYS A 346 13.63 -11.09 27.96
N TYR A 347 14.87 -11.19 28.46
CA TYR A 347 16.02 -10.82 27.65
C TYR A 347 16.03 -11.60 26.33
N ASN A 348 15.90 -12.93 26.44
CA ASN A 348 15.88 -13.77 25.23
C ASN A 348 14.71 -13.41 24.33
N TYR A 349 13.54 -13.18 24.92
CA TYR A 349 12.34 -12.88 24.15
C TYR A 349 12.56 -11.73 23.18
N TRP A 350 13.14 -10.64 23.68
CA TRP A 350 13.31 -9.45 22.85
C TRP A 350 14.58 -9.51 22.02
N GLU A 351 15.61 -10.23 22.48
CA GLU A 351 16.79 -10.43 21.63
C GLU A 351 16.43 -11.24 20.39
N LEU A 352 15.62 -12.29 20.58
CA LEU A 352 15.16 -13.11 19.45
C LEU A 352 14.43 -12.26 18.41
N ARG A 353 13.63 -11.29 18.87
CA ARG A 353 12.84 -10.48 17.97
C ARG A 353 13.59 -9.28 17.43
N GLY A 354 14.80 -9.02 17.93
CA GLY A 354 15.70 -8.09 17.28
C GLY A 354 15.78 -6.70 17.90
N VAL A 355 15.17 -6.48 19.06
CA VAL A 355 15.13 -5.13 19.62
C VAL A 355 16.56 -4.62 19.84
N PRO A 356 16.93 -3.45 19.30
CA PRO A 356 18.34 -3.05 19.35
C PRO A 356 18.85 -2.64 20.74
N LEU A 357 18.01 -2.10 21.62
CA LEU A 357 18.51 -1.62 22.89
C LEU A 357 17.58 -2.06 24.02
N ARG A 358 18.17 -2.57 25.09
CA ARG A 358 17.43 -2.95 26.30
C ARG A 358 17.89 -2.09 27.46
N ILE A 359 16.94 -1.60 28.24
CA ILE A 359 17.20 -0.88 29.49
C ILE A 359 16.74 -1.79 30.62
N GLU A 360 17.67 -2.12 31.52
CA GLU A 360 17.38 -2.91 32.72
C GLU A 360 17.40 -1.97 33.91
N VAL A 361 16.29 -1.92 34.65
CA VAL A 361 16.16 -1.05 35.81
C VAL A 361 16.10 -1.93 37.05
N GLY A 362 17.19 -1.97 37.82
CA GLY A 362 17.27 -2.79 38.99
C GLY A 362 17.40 -1.98 40.27
N PRO A 363 17.08 -2.61 41.40
CA PRO A 363 17.17 -1.87 42.68
C PRO A 363 18.58 -1.40 43.00
N LYS A 364 19.58 -2.28 42.84
CA LYS A 364 20.95 -1.88 43.09
C LYS A 364 21.35 -0.69 42.22
N ASP A 365 20.96 -0.71 40.94
CA ASP A 365 21.31 0.39 40.05
C ASP A 365 20.56 1.66 40.41
N LEU A 366 19.33 1.56 40.89
CA LEU A 366 18.58 2.75 41.29
C LEU A 366 19.23 3.43 42.50
N GLU A 367 19.86 2.65 43.37
CA GLU A 367 20.52 3.22 44.53
C GLU A 367 21.71 4.09 44.13
N LYS A 368 22.35 3.77 42.99
CA LYS A 368 23.47 4.55 42.47
C LYS A 368 23.02 5.53 41.39
N GLN A 369 21.72 5.80 41.29
CA GLN A 369 21.18 6.80 40.35
C GLN A 369 21.61 6.51 38.91
N GLN A 370 21.36 5.27 38.47
CA GLN A 370 21.81 4.86 37.14
C GLN A 370 20.93 3.73 36.63
N ILE A 371 21.10 3.43 35.34
CA ILE A 371 20.41 2.33 34.68
C ILE A 371 21.42 1.53 33.89
N MET A 372 21.02 0.32 33.51
CA MET A 372 21.86 -0.60 32.77
C MET A 372 21.35 -0.70 31.34
N LEU A 373 22.26 -0.57 30.37
CA LEU A 373 21.93 -0.64 28.96
C LEU A 373 22.64 -1.85 28.34
N CYS A 374 21.98 -2.51 27.40
CA CYS A 374 22.58 -3.62 26.67
C CYS A 374 22.22 -3.48 25.21
N ARG A 375 23.24 -3.43 24.34
CA ARG A 375 23.03 -3.25 22.91
C ARG A 375 23.05 -4.60 22.20
N ARG A 376 22.05 -4.82 21.34
CA ARG A 376 21.80 -6.13 20.73
C ARG A 376 22.90 -6.55 19.76
N ASP A 377 23.51 -5.60 19.05
CA ASP A 377 24.43 -5.97 17.98
C ASP A 377 25.71 -6.57 18.52
N THR A 378 26.27 -6.01 19.59
CA THR A 378 27.50 -6.55 20.19
C THR A 378 27.26 -7.27 21.51
N GLY A 379 26.11 -7.10 22.14
CA GLY A 379 25.88 -7.65 23.46
C GLY A 379 26.48 -6.85 24.60
N GLU A 380 27.18 -5.76 24.31
CA GLU A 380 27.83 -5.02 25.38
C GLU A 380 26.82 -4.45 26.37
N LYS A 381 27.16 -4.52 27.65
CA LYS A 381 26.38 -3.93 28.73
C LYS A 381 27.18 -2.80 29.37
N TRP A 382 26.49 -1.71 29.70
CA TRP A 382 27.14 -0.57 30.36
C TRP A 382 26.08 0.22 31.13
N THR A 383 26.53 0.97 32.13
CA THR A 383 25.61 1.78 32.91
C THR A 383 25.61 3.23 32.41
N MET A 384 24.43 3.85 32.51
CA MET A 384 24.24 5.26 32.22
C MET A 384 23.71 5.97 33.45
N PRO A 385 24.36 7.03 33.91
CA PRO A 385 23.78 7.82 35.01
C PRO A 385 22.47 8.44 34.56
N LEU A 386 21.49 8.44 35.47
CA LEU A 386 20.20 9.07 35.15
C LEU A 386 20.37 10.55 34.85
N SER A 387 21.40 11.19 35.39
CA SER A 387 21.67 12.58 35.06
C SER A 387 22.01 12.75 33.58
N GLU A 388 22.45 11.69 32.91
CA GLU A 388 22.77 11.74 31.49
C GLU A 388 21.74 11.01 30.64
N PHE A 389 20.67 10.51 31.24
CA PHE A 389 19.59 9.89 30.49
C PHE A 389 18.67 10.95 29.91
N SER A 390 18.30 10.78 28.65
CA SER A 390 17.35 11.67 27.99
C SER A 390 16.99 11.05 26.64
N GLY A 391 15.99 11.65 25.99
CA GLY A 391 15.64 11.22 24.65
C GLY A 391 16.79 11.39 23.69
N ASP A 392 17.55 12.49 23.81
CA ASP A 392 18.67 12.73 22.92
C ASP A 392 19.80 11.74 23.16
N SER A 393 20.09 11.43 24.43
CA SER A 393 21.20 10.51 24.70
C SER A 393 20.87 9.08 24.28
N ILE A 394 19.60 8.69 24.37
CA ILE A 394 19.21 7.36 23.92
C ILE A 394 19.22 7.28 22.40
N LYS A 395 18.73 8.34 21.72
CA LYS A 395 18.86 8.39 20.26
C LYS A 395 20.32 8.30 19.84
N ALA A 396 21.21 8.96 20.58
CA ALA A 396 22.64 8.89 20.28
C ALA A 396 23.15 7.46 20.42
N VAL A 397 22.65 6.72 21.41
CA VAL A 397 23.00 5.31 21.55
C VAL A 397 22.50 4.51 20.34
N LEU A 398 21.29 4.81 19.88
CA LEU A 398 20.73 4.09 18.74
C LEU A 398 21.49 4.41 17.45
N ASP A 399 21.95 5.65 17.29
CA ASP A 399 22.76 5.98 16.12
C ASP A 399 24.11 5.28 16.18
N LYS A 400 24.68 5.16 17.37
CA LYS A 400 25.94 4.44 17.53
C LYS A 400 25.78 2.98 17.13
N ILE A 401 24.66 2.36 17.52
CA ILE A 401 24.39 0.98 17.12
C ILE A 401 24.27 0.89 15.59
N HIS A 402 23.52 1.82 14.99
CA HIS A 402 23.39 1.82 13.54
C HIS A 402 24.75 1.93 12.87
N ASP A 403 25.57 2.89 13.31
CA ASP A 403 26.89 3.08 12.69
C ASP A 403 27.75 1.83 12.82
N SER A 404 27.72 1.18 13.99
CA SER A 404 28.55 0.00 14.21
C SER A 404 28.11 -1.14 13.30
N MET A 405 26.79 -1.35 13.17
CA MET A 405 26.27 -2.40 12.30
C MET A 405 26.71 -2.18 10.86
N LEU A 406 26.60 -0.94 10.38
CA LEU A 406 26.99 -0.64 9.00
C LEU A 406 28.50 -0.77 8.82
N ASN A 407 29.27 -0.26 9.80
CA ASN A 407 30.73 -0.32 9.69
C ASN A 407 31.24 -1.75 9.72
N LYS A 408 30.66 -2.59 10.58
CA LYS A 408 31.08 -3.99 10.65
C LYS A 408 30.80 -4.70 9.32
N ALA A 409 29.63 -4.48 8.75
CA ALA A 409 29.29 -5.12 7.49
C ALA A 409 30.15 -4.62 6.35
N ARG A 410 30.48 -3.31 6.35
CA ARG A 410 31.31 -2.80 5.27
C ARG A 410 32.73 -3.34 5.38
N LYS A 411 33.26 -3.46 6.59
CA LYS A 411 34.60 -4.02 6.75
C LYS A 411 34.63 -5.48 6.29
N GLU A 412 33.62 -6.26 6.67
CA GLU A 412 33.52 -7.63 6.18
C GLU A 412 33.45 -7.67 4.66
N MET A 413 32.60 -6.83 4.06
CA MET A 413 32.44 -6.86 2.61
C MET A 413 33.76 -6.52 1.91
N ASN A 414 34.43 -5.45 2.36
CA ASN A 414 35.64 -5.00 1.67
C ASN A 414 36.77 -6.02 1.80
N GLU A 415 36.86 -6.70 2.95
CA GLU A 415 37.84 -7.77 3.12
C GLU A 415 37.58 -8.93 2.19
N ARG A 416 36.36 -9.06 1.65
CA ARG A 416 35.98 -10.18 0.82
C ARG A 416 35.89 -9.81 -0.66
N ILE A 417 36.47 -8.68 -1.03
CA ILE A 417 36.64 -8.29 -2.42
C ILE A 417 38.12 -8.41 -2.75
N VAL A 418 38.45 -9.32 -3.67
CA VAL A 418 39.82 -9.65 -4.00
C VAL A 418 40.07 -9.30 -5.46
N VAL A 419 41.16 -8.59 -5.71
CA VAL A 419 41.61 -8.37 -7.09
C VAL A 419 42.21 -9.66 -7.62
N THR A 420 41.64 -10.20 -8.69
CA THR A 420 42.08 -11.48 -9.25
C THR A 420 42.47 -11.24 -10.71
N ARG A 421 43.78 -11.10 -10.96
CA ARG A 421 44.26 -10.78 -12.29
C ARG A 421 44.30 -11.98 -13.22
N THR A 422 44.30 -13.21 -12.70
CA THR A 422 44.44 -14.42 -13.49
C THR A 422 43.40 -15.44 -13.05
N TRP A 423 43.17 -16.43 -13.91
CA TRP A 423 42.14 -17.44 -13.61
C TRP A 423 42.43 -18.22 -12.35
N PRO A 424 43.65 -18.73 -12.11
CA PRO A 424 43.87 -19.49 -10.85
C PRO A 424 43.57 -18.66 -9.61
N GLU A 425 43.90 -17.37 -9.64
CA GLU A 425 43.54 -16.49 -8.52
C GLU A 425 42.04 -16.34 -8.41
N PHE A 426 41.36 -16.17 -9.55
CA PHE A 426 39.91 -16.00 -9.57
C PHE A 426 39.20 -17.20 -8.95
N ILE A 427 39.51 -18.41 -9.42
CA ILE A 427 38.75 -19.55 -8.95
C ILE A 427 39.06 -19.83 -7.48
N LYS A 428 40.28 -19.53 -7.05
CA LYS A 428 40.65 -19.73 -5.65
C LYS A 428 39.83 -18.80 -4.75
N ALA A 429 39.77 -17.51 -5.12
CA ALA A 429 39.03 -16.55 -4.32
C ALA A 429 37.54 -16.84 -4.35
N LEU A 430 37.01 -17.27 -5.49
CA LEU A 430 35.61 -17.64 -5.59
C LEU A 430 35.27 -18.79 -4.65
N ASN A 431 36.10 -19.83 -4.66
CA ASN A 431 35.83 -21.00 -3.81
C ASN A 431 36.00 -20.71 -2.32
N SER A 432 36.71 -19.64 -1.95
CA SER A 432 36.79 -19.25 -0.55
CA SER A 432 36.82 -19.22 -0.56
C SER A 432 35.76 -18.19 -0.17
N GLY A 433 34.77 -17.96 -1.02
CA GLY A 433 33.65 -17.10 -0.66
C GLY A 433 33.88 -15.63 -0.84
N ASN A 434 34.69 -15.23 -1.81
CA ASN A 434 34.99 -13.84 -2.07
C ASN A 434 34.30 -13.38 -3.34
N MET A 435 34.11 -12.06 -3.44
CA MET A 435 33.85 -11.41 -4.71
C MET A 435 35.19 -11.05 -5.33
N CYS A 436 35.22 -11.04 -6.66
CA CYS A 436 36.45 -10.92 -7.42
C CYS A 436 36.38 -9.75 -8.38
N LEU A 437 37.42 -8.92 -8.38
CA LEU A 437 37.58 -7.86 -9.37
C LEU A 437 38.47 -8.41 -10.47
N ILE A 438 37.93 -8.46 -11.69
CA ILE A 438 38.70 -9.06 -12.80
C ILE A 438 38.90 -8.03 -13.90
N PRO A 439 40.00 -8.13 -14.65
CA PRO A 439 40.12 -7.34 -15.87
C PRO A 439 38.98 -7.71 -16.81
N TRP A 440 38.39 -6.71 -17.45
CA TRP A 440 37.14 -6.93 -18.16
C TRP A 440 37.15 -6.18 -19.48
N HIS A 441 36.72 -6.86 -20.55
CA HIS A 441 36.29 -6.20 -21.77
C HIS A 441 34.90 -6.73 -22.07
N GLU A 442 33.94 -5.82 -22.21
CA GLU A 442 32.54 -6.21 -22.31
C GLU A 442 32.30 -7.18 -23.45
N SER A 443 31.60 -8.28 -23.14
CA SER A 443 31.31 -9.34 -24.10
C SER A 443 30.35 -10.35 -23.47
N LYS A 444 29.19 -10.58 -24.11
CA LYS A 444 28.31 -11.63 -23.63
C LYS A 444 28.99 -12.99 -23.64
N ALA A 445 29.77 -13.26 -24.68
CA ALA A 445 30.44 -14.55 -24.81
C ALA A 445 31.50 -14.74 -23.73
N ALA A 446 32.24 -13.68 -23.39
CA ALA A 446 33.21 -13.80 -22.30
C ALA A 446 32.51 -14.09 -20.99
N GLU A 447 31.40 -13.41 -20.74
CA GLU A 447 30.67 -13.65 -19.49
C GLU A 447 30.15 -15.08 -19.41
N GLU A 448 29.64 -15.60 -20.53
CA GLU A 448 29.16 -16.98 -20.54
C GLU A 448 30.31 -17.97 -20.34
N TYR A 449 31.46 -17.70 -20.95
CA TYR A 449 32.63 -18.53 -20.72
C TYR A 449 33.01 -18.58 -19.25
N ILE A 450 33.07 -17.42 -18.60
CA ILE A 450 33.45 -17.37 -17.20
C ILE A 450 32.45 -18.13 -16.34
N LYS A 451 31.16 -17.97 -16.64
CA LYS A 451 30.13 -18.68 -15.89
C LYS A 451 30.29 -20.19 -16.02
N GLU A 452 30.46 -20.68 -17.24
CA GLU A 452 30.54 -22.13 -17.45
C GLU A 452 31.82 -22.71 -16.83
N LYS A 453 32.94 -22.01 -16.99
CA LYS A 453 34.22 -22.54 -16.50
C LYS A 453 34.27 -22.52 -14.97
N SER A 454 33.84 -21.41 -14.36
CA SER A 454 33.82 -21.37 -12.89
C SER A 454 32.84 -22.40 -12.32
N LYS A 455 31.71 -22.63 -13.00
CA LYS A 455 30.76 -23.63 -12.53
C LYS A 455 31.37 -25.02 -12.51
N LEU A 456 32.15 -25.36 -13.53
CA LEU A 456 32.80 -26.67 -13.59
C LEU A 456 33.85 -26.84 -12.49
N GLU A 457 34.52 -25.77 -12.11
CA GLU A 457 35.60 -25.84 -11.12
C GLU A 457 35.14 -25.42 -9.73
N SER A 458 33.84 -25.21 -9.53
CA SER A 458 33.31 -24.66 -8.30
C SER A 458 32.93 -25.75 -7.31
N VAL A 459 32.87 -25.35 -6.04
CA VAL A 459 32.34 -26.18 -4.97
C VAL A 459 31.44 -25.28 -4.12
N GLN A 460 30.38 -25.86 -3.57
CA GLN A 460 29.48 -25.08 -2.72
C GLN A 460 28.92 -25.97 -1.63
N SER A 461 28.34 -25.33 -0.61
CA SER A 461 27.84 -26.06 0.55
C SER A 461 26.58 -26.83 0.19
N GLN A 462 26.32 -27.89 0.96
CA GLN A 462 25.07 -28.63 0.79
C GLN A 462 23.86 -27.73 0.99
N SER A 463 23.95 -26.81 1.96
CA SER A 463 22.84 -25.87 2.20
C SER A 463 22.58 -25.01 0.98
N ASP A 464 23.64 -24.49 0.34
CA ASP A 464 23.45 -23.68 -0.87
C ASP A 464 22.87 -24.53 -2.00
N ALA A 465 23.38 -25.75 -2.18
CA ALA A 465 22.84 -26.62 -3.21
C ALA A 465 21.36 -26.91 -2.97
N ASN A 466 20.96 -27.08 -1.70
CA ASN A 466 19.56 -27.30 -1.37
C ASN A 466 18.70 -26.07 -1.64
N THR A 467 19.27 -24.87 -1.47
CA THR A 467 18.58 -23.62 -1.77
C THR A 467 18.49 -23.35 -3.27
N GLY A 468 18.90 -24.31 -4.10
CA GLY A 468 18.85 -24.15 -5.53
C GLY A 468 19.92 -23.26 -6.12
N LEU A 469 20.97 -22.96 -5.35
CA LEU A 469 22.00 -22.04 -5.82
C LEU A 469 23.07 -22.79 -6.60
N THR A 470 23.94 -22.03 -7.26
CA THR A 470 25.04 -22.58 -8.01
C THR A 470 26.36 -21.99 -7.52
N GLY A 471 27.43 -22.76 -7.73
CA GLY A 471 28.76 -22.24 -7.47
C GLY A 471 29.33 -21.40 -8.58
N ALA A 472 28.60 -21.25 -9.69
CA ALA A 472 29.09 -20.48 -10.81
C ALA A 472 29.21 -19.00 -10.44
N ALA A 473 30.21 -18.35 -11.02
CA ALA A 473 30.38 -16.91 -10.86
C ALA A 473 29.63 -16.21 -11.97
N LYS A 474 28.92 -15.14 -11.62
CA LYS A 474 28.30 -14.32 -12.66
C LYS A 474 28.73 -12.88 -12.48
N SER A 475 28.49 -12.06 -13.49
CA SER A 475 28.84 -10.66 -13.37
C SER A 475 27.89 -10.01 -12.38
N LEU A 476 28.44 -9.22 -11.48
CA LEU A 476 27.65 -8.50 -10.50
C LEU A 476 27.44 -7.06 -10.94
N CYS A 477 28.54 -6.35 -11.20
CA CYS A 477 28.45 -5.02 -11.80
C CYS A 477 29.85 -4.62 -12.25
N VAL A 478 29.89 -3.60 -13.09
CA VAL A 478 31.11 -2.84 -13.34
C VAL A 478 31.08 -1.63 -12.41
N PRO A 479 31.88 -1.60 -11.35
CA PRO A 479 31.76 -0.51 -10.37
C PRO A 479 31.87 0.87 -11.02
N LEU A 480 30.98 1.78 -10.61
CA LEU A 480 31.03 3.16 -11.11
C LEU A 480 32.36 3.83 -10.78
N ASP A 481 32.83 3.64 -9.55
CA ASP A 481 34.07 4.28 -9.09
C ASP A 481 35.22 3.28 -9.28
N GLN A 482 36.03 3.50 -10.30
CA GLN A 482 37.20 2.65 -10.56
C GLN A 482 38.50 3.25 -10.06
N SER A 483 38.43 4.34 -9.29
CA SER A 483 39.62 5.15 -9.02
C SER A 483 40.62 4.43 -8.11
N SER A 484 40.17 3.50 -7.28
CA SER A 484 41.08 2.82 -6.36
C SER A 484 41.64 1.52 -6.91
N PHE A 485 41.24 1.13 -8.13
CA PHE A 485 41.62 -0.16 -8.66
C PHE A 485 43.02 -0.10 -9.28
N PRO A 486 43.70 -1.23 -9.36
CA PRO A 486 45.08 -1.23 -9.87
C PRO A 486 45.11 -1.13 -11.40
N SER A 487 46.34 -1.09 -11.92
CA SER A 487 46.55 -0.91 -13.34
C SER A 487 46.08 -2.14 -14.12
N LEU A 488 45.55 -1.90 -15.32
CA LEU A 488 45.20 -2.97 -16.25
C LEU A 488 46.35 -3.34 -17.18
N GLU A 489 47.49 -2.68 -17.05
CA GLU A 489 48.59 -2.88 -17.99
C GLU A 489 49.02 -4.34 -18.02
N GLY A 490 49.07 -4.92 -19.23
CA GLY A 490 49.57 -6.26 -19.43
C GLY A 490 48.63 -7.39 -19.02
N LEU A 491 47.41 -7.07 -18.59
CA LEU A 491 46.48 -8.12 -18.17
C LEU A 491 45.71 -8.67 -19.37
N GLU A 492 45.45 -9.97 -19.34
CA GLU A 492 44.81 -10.65 -20.45
C GLU A 492 43.31 -10.85 -20.20
N ASN A 493 42.54 -10.84 -21.29
CA ASN A 493 41.14 -11.23 -21.23
C ASN A 493 41.01 -12.63 -20.62
N PHE A 494 40.02 -12.81 -19.72
CA PHE A 494 39.77 -14.12 -19.14
C PHE A 494 39.23 -15.12 -20.15
N TYR A 495 38.68 -14.65 -21.27
CA TYR A 495 38.13 -15.51 -22.31
C TYR A 495 39.17 -15.63 -23.42
N PRO A 496 39.84 -16.78 -23.58
CA PRO A 496 40.96 -16.85 -24.53
C PRO A 496 40.58 -16.58 -25.96
N GLU A 497 39.35 -16.94 -26.38
CA GLU A 497 38.91 -16.63 -27.74
C GLU A 497 38.88 -15.13 -28.00
N GLU A 498 38.79 -14.31 -26.95
CA GLU A 498 38.77 -12.86 -27.13
C GLU A 498 40.01 -12.21 -26.54
N ALA A 499 41.16 -12.88 -26.61
CA ALA A 499 42.41 -12.25 -26.19
C ALA A 499 42.66 -10.94 -26.94
N HIS A 500 42.12 -10.81 -28.16
CA HIS A 500 42.27 -9.60 -28.96
C HIS A 500 41.39 -8.45 -28.49
N LYS A 501 40.51 -8.67 -27.50
CA LYS A 501 39.70 -7.59 -26.94
C LYS A 501 40.33 -7.22 -25.60
N LYS A 502 41.08 -6.12 -25.60
CA LYS A 502 41.94 -5.78 -24.48
C LYS A 502 41.10 -5.34 -23.30
N PRO A 503 41.37 -5.83 -22.09
CA PRO A 503 40.63 -5.33 -20.92
C PRO A 503 40.77 -3.81 -20.78
N ASN A 504 39.65 -3.12 -20.51
CA ASN A 504 39.67 -1.67 -20.36
C ASN A 504 38.91 -1.19 -19.15
N CYS A 505 38.53 -2.07 -18.24
CA CYS A 505 37.97 -1.69 -16.94
C CYS A 505 38.04 -2.92 -16.04
N TRP A 506 37.59 -2.76 -14.81
CA TRP A 506 37.47 -3.84 -13.85
C TRP A 506 36.01 -4.17 -13.62
N ALA A 507 35.68 -5.46 -13.62
CA ALA A 507 34.34 -5.92 -13.32
C ALA A 507 34.32 -6.76 -12.05
N LEU A 508 33.23 -6.63 -11.29
CA LEU A 508 33.02 -7.42 -10.09
C LEU A 508 32.21 -8.67 -10.46
N PHE A 509 32.79 -9.83 -10.19
CA PHE A 509 32.17 -11.13 -10.44
C PHE A 509 32.09 -11.89 -9.12
N GLY A 510 31.09 -12.75 -9.01
CA GLY A 510 30.96 -13.54 -7.80
C GLY A 510 29.79 -14.49 -7.88
N ARG A 511 29.70 -15.35 -6.88
CA ARG A 511 28.48 -16.14 -6.69
C ARG A 511 27.35 -15.20 -6.27
N SER A 512 26.11 -15.63 -6.49
CA SER A 512 24.97 -14.75 -6.32
CA SER A 512 24.98 -14.75 -6.26
C SER A 512 23.76 -15.56 -5.88
N TYR A 513 22.73 -14.85 -5.40
CA TYR A 513 21.40 -15.43 -5.25
C TYR A 513 20.66 -15.23 -6.57
N GLU B 12 -10.72 19.65 -21.83
CA GLU B 12 -11.65 20.74 -22.11
C GLU B 12 -12.49 21.08 -20.88
N GLY B 13 -13.76 20.69 -20.91
CA GLY B 13 -14.68 20.92 -19.82
C GLY B 13 -15.83 19.94 -19.89
N ILE B 14 -16.69 19.99 -18.89
CA ILE B 14 -17.82 19.06 -18.83
C ILE B 14 -18.93 19.59 -19.72
N ASP B 15 -19.41 18.76 -20.65
CA ASP B 15 -20.44 19.22 -21.58
C ASP B 15 -21.75 18.48 -21.43
N VAL B 16 -21.93 17.72 -20.36
CA VAL B 16 -23.21 17.11 -20.03
CA VAL B 16 -23.21 17.11 -20.03
CA VAL B 16 -23.19 17.08 -20.02
C VAL B 16 -23.47 17.36 -18.55
N LYS B 17 -24.71 17.73 -18.22
CA LYS B 17 -25.01 18.09 -16.85
C LYS B 17 -25.28 16.86 -15.99
N LYS B 18 -25.00 17.00 -14.70
CA LYS B 18 -25.20 15.91 -13.75
C LYS B 18 -26.64 15.43 -13.77
N GLN B 19 -27.59 16.36 -13.90
CA GLN B 19 -29.01 16.01 -13.91
C GLN B 19 -29.52 15.60 -15.28
N GLU B 20 -28.70 15.71 -16.33
CA GLU B 20 -29.13 15.34 -17.67
CA GLU B 20 -29.12 15.34 -17.68
C GLU B 20 -28.82 13.87 -17.99
N ASN B 21 -27.62 13.41 -17.64
CA ASN B 21 -27.21 12.05 -17.97
C ASN B 21 -26.13 11.70 -16.95
N PHE B 22 -26.54 11.03 -15.87
CA PHE B 22 -25.68 10.89 -14.72
C PHE B 22 -24.44 10.06 -15.04
N SER B 23 -24.60 8.96 -15.79
CA SER B 23 -23.44 8.13 -16.06
C SER B 23 -22.45 8.81 -17.01
N GLU B 24 -22.95 9.58 -17.98
CA GLU B 24 -22.06 10.31 -18.88
C GLU B 24 -21.36 11.46 -18.15
N TRP B 25 -22.11 12.19 -17.31
CA TRP B 25 -21.51 13.20 -16.45
C TRP B 25 -20.38 12.62 -15.61
N TYR B 26 -20.65 11.48 -14.96
CA TYR B 26 -19.66 10.86 -14.10
C TYR B 26 -18.40 10.50 -14.87
N SER B 27 -18.59 9.90 -16.05
CA SER B 27 -17.44 9.54 -16.88
C SER B 27 -16.61 10.77 -17.23
N GLN B 28 -17.27 11.85 -17.64
CA GLN B 28 -16.53 13.07 -17.98
C GLN B 28 -15.83 13.67 -16.76
N VAL B 29 -16.49 13.66 -15.60
CA VAL B 29 -15.87 14.32 -14.45
C VAL B 29 -14.65 13.54 -13.97
N ILE B 30 -14.72 12.20 -13.93
CA ILE B 30 -13.59 11.47 -13.38
C ILE B 30 -12.42 11.48 -14.35
N THR B 31 -12.68 11.55 -15.66
CA THR B 31 -11.55 11.56 -16.60
C THR B 31 -10.97 12.95 -16.81
N LYS B 32 -11.83 13.94 -17.03
CA LYS B 32 -11.33 15.27 -17.36
C LYS B 32 -10.68 15.95 -16.16
N SER B 33 -11.05 15.56 -14.94
CA SER B 33 -10.37 16.06 -13.75
C SER B 33 -9.02 15.41 -13.52
N GLU B 34 -8.63 14.48 -14.38
CA GLU B 34 -7.39 13.71 -14.24
C GLU B 34 -7.42 12.77 -13.04
N PHE B 35 -8.61 12.35 -12.60
CA PHE B 35 -8.66 11.36 -11.53
C PHE B 35 -8.41 9.96 -12.04
N LEU B 36 -9.02 9.59 -13.16
CA LEU B 36 -9.13 8.19 -13.54
C LEU B 36 -8.98 8.07 -15.05
N ASP B 37 -8.39 6.96 -15.49
CA ASP B 37 -8.41 6.63 -16.91
C ASP B 37 -8.94 5.21 -17.10
N TYR B 38 -9.56 4.99 -18.26
CA TYR B 38 -10.04 3.67 -18.63
C TYR B 38 -8.88 2.80 -19.11
N TYR B 39 -9.15 1.51 -19.22
CA TYR B 39 -8.09 0.51 -19.37
C TYR B 39 -8.64 -0.65 -20.18
N ASP B 40 -7.74 -1.48 -20.75
CA ASP B 40 -8.18 -2.51 -21.69
C ASP B 40 -8.45 -3.88 -21.03
N VAL B 41 -8.63 -3.91 -19.70
CA VAL B 41 -9.21 -5.05 -19.00
C VAL B 41 -10.50 -4.55 -18.37
N SER B 42 -11.62 -5.20 -18.68
CA SER B 42 -12.92 -4.71 -18.26
CA SER B 42 -12.90 -4.67 -18.26
C SER B 42 -13.00 -4.60 -16.75
N GLY B 43 -13.63 -3.53 -16.26
CA GLY B 43 -13.83 -3.36 -14.84
C GLY B 43 -12.62 -2.95 -14.05
N CYS B 44 -11.52 -2.59 -14.73
CA CYS B 44 -10.30 -2.12 -14.06
C CYS B 44 -9.98 -0.73 -14.55
N TYR B 45 -9.44 0.10 -13.65
CA TYR B 45 -9.27 1.52 -13.93
C TYR B 45 -7.91 1.98 -13.42
N ILE B 46 -7.40 3.05 -14.03
CA ILE B 46 -6.10 3.63 -13.66
C ILE B 46 -6.36 4.77 -12.69
N PHE B 47 -5.75 4.72 -11.51
CA PHE B 47 -5.88 5.78 -10.50
C PHE B 47 -4.71 6.75 -10.67
N ARG B 48 -5.00 7.95 -11.17
CA ARG B 48 -3.98 8.95 -11.44
C ARG B 48 -3.62 9.69 -10.14
N PRO B 49 -2.55 10.50 -10.14
CA PRO B 49 -2.04 11.02 -8.85
C PRO B 49 -3.05 11.74 -7.97
N ASN B 50 -3.86 12.63 -8.54
CA ASN B 50 -4.78 13.40 -7.71
C ASN B 50 -5.83 12.51 -7.07
N CYS B 51 -6.13 11.39 -7.73
CA CYS B 51 -7.09 10.41 -7.23
C CYS B 51 -6.47 9.51 -6.17
N TRP B 52 -5.28 8.96 -6.46
CA TRP B 52 -4.63 8.10 -5.48
C TRP B 52 -4.33 8.87 -4.20
N PHE B 53 -4.09 10.19 -4.31
CA PHE B 53 -3.87 11.02 -3.12
C PHE B 53 -5.04 10.91 -2.13
N VAL B 54 -6.27 10.84 -2.64
CA VAL B 54 -7.43 10.71 -1.75
C VAL B 54 -7.33 9.42 -0.97
N TRP B 55 -7.05 8.31 -1.65
CA TRP B 55 -6.96 7.03 -0.95
C TRP B 55 -5.80 7.01 0.04
N GLU B 56 -4.65 7.56 -0.36
CA GLU B 56 -3.54 7.68 0.59
C GLU B 56 -3.94 8.50 1.81
N SER B 57 -4.77 9.54 1.62
CA SER B 57 -5.20 10.35 2.74
C SER B 57 -6.11 9.58 3.68
N VAL B 58 -6.99 8.75 3.12
CA VAL B 58 -7.81 7.85 3.92
C VAL B 58 -6.93 6.87 4.70
N GLN B 59 -5.97 6.26 4.01
CA GLN B 59 -5.03 5.33 4.65
C GLN B 59 -4.34 5.99 5.84
N LYS B 60 -3.79 7.19 5.63
CA LYS B 60 -3.03 7.87 6.68
C LYS B 60 -3.89 8.10 7.91
N PHE B 61 -5.11 8.60 7.70
CA PHE B 61 -6.03 8.85 8.80
C PHE B 61 -6.44 7.55 9.50
N PHE B 62 -6.87 6.56 8.72
CA PHE B 62 -7.38 5.32 9.29
C PHE B 62 -6.28 4.56 10.02
N ASP B 63 -5.08 4.49 9.44
CA ASP B 63 -3.95 3.84 10.12
C ASP B 63 -3.69 4.47 11.47
N ALA B 64 -3.72 5.81 11.53
CA ALA B 64 -3.41 6.48 12.80
C ALA B 64 -4.44 6.13 13.86
N GLU B 65 -5.70 6.01 13.46
CA GLU B 65 -6.76 5.72 14.43
C GLU B 65 -6.74 4.26 14.86
N ILE B 66 -6.55 3.31 13.94
CA ILE B 66 -6.52 1.92 14.39
C ILE B 66 -5.25 1.60 15.16
N LYS B 67 -4.15 2.34 14.94
CA LYS B 67 -2.97 2.15 15.77
C LYS B 67 -3.30 2.42 17.24
N LYS B 68 -4.15 3.41 17.52
CA LYS B 68 -4.54 3.69 18.90
C LYS B 68 -5.29 2.54 19.52
N LEU B 69 -5.90 1.68 18.71
CA LEU B 69 -6.63 0.53 19.22
C LEU B 69 -5.77 -0.71 19.38
N GLY B 70 -4.51 -0.68 18.95
CA GLY B 70 -3.66 -1.85 19.00
C GLY B 70 -3.67 -2.69 17.75
N VAL B 71 -4.30 -2.22 16.68
CA VAL B 71 -4.33 -2.98 15.43
C VAL B 71 -2.98 -2.84 14.74
N GLN B 72 -2.51 -3.92 14.11
CA GLN B 72 -1.20 -3.92 13.46
C GLN B 72 -1.33 -4.30 11.99
N ASN B 73 -0.57 -3.62 11.13
CA ASN B 73 -0.61 -3.90 9.69
C ASN B 73 0.25 -5.12 9.34
N VAL B 74 -0.24 -5.92 8.38
CA VAL B 74 0.43 -7.12 7.91
C VAL B 74 0.27 -7.16 6.39
N MET B 75 0.82 -8.20 5.76
CA MET B 75 0.47 -8.49 4.38
C MET B 75 0.45 -9.99 4.18
N PHE B 76 -0.72 -10.53 3.84
CA PHE B 76 -0.89 -11.92 3.47
C PHE B 76 -0.92 -12.06 1.95
N PRO B 77 -0.79 -13.29 1.43
CA PRO B 77 -0.64 -13.47 -0.03
C PRO B 77 -1.90 -13.14 -0.82
N LEU B 78 -1.67 -12.82 -2.09
CA LEU B 78 -2.70 -12.65 -3.10
C LEU B 78 -3.42 -13.96 -3.43
N PHE B 79 -2.72 -15.07 -3.32
CA PHE B 79 -3.22 -16.36 -3.80
C PHE B 79 -3.85 -17.17 -2.67
N VAL B 80 -4.87 -17.96 -3.02
CA VAL B 80 -5.46 -18.91 -2.08
C VAL B 80 -5.75 -20.21 -2.81
N THR B 81 -5.48 -21.33 -2.14
CA THR B 81 -5.71 -22.63 -2.76
C THR B 81 -7.20 -22.94 -2.82
N LYS B 82 -7.54 -23.84 -3.75
CA LYS B 82 -8.91 -24.33 -3.84
C LYS B 82 -9.34 -24.98 -2.52
N ARG B 83 -8.47 -25.81 -1.94
CA ARG B 83 -8.80 -26.48 -0.69
C ARG B 83 -9.06 -25.48 0.43
N ALA B 84 -8.25 -24.41 0.53
CA ALA B 84 -8.47 -23.41 1.57
C ALA B 84 -9.76 -22.63 1.32
N LEU B 85 -10.04 -22.30 0.07
CA LEU B 85 -11.16 -21.42 -0.24
C LEU B 85 -12.50 -22.09 0.05
N GLU B 86 -12.57 -23.42 -0.10
CA GLU B 86 -13.80 -24.15 0.15
C GLU B 86 -13.98 -24.56 1.60
N THR B 87 -13.00 -24.29 2.47
CA THR B 87 -13.19 -24.57 3.89
C THR B 87 -14.36 -23.76 4.44
N GLU B 88 -14.50 -22.51 3.99
CA GLU B 88 -15.56 -21.64 4.46
C GLU B 88 -16.93 -22.16 4.01
N LYS B 89 -17.81 -22.41 4.99
CA LYS B 89 -19.12 -23.00 4.73
C LYS B 89 -20.17 -22.44 5.69
N GLY B 94 -21.98 -20.29 -3.82
CA GLY B 94 -22.58 -18.98 -3.60
C GLY B 94 -21.82 -17.87 -4.30
N PHE B 95 -20.61 -17.61 -3.82
CA PHE B 95 -19.72 -16.65 -4.45
C PHE B 95 -18.89 -17.26 -5.57
N SER B 96 -18.99 -18.58 -5.79
CA SER B 96 -18.10 -19.29 -6.71
C SER B 96 -17.94 -18.63 -8.07
N PRO B 97 -18.99 -18.11 -8.73
CA PRO B 97 -18.77 -17.48 -10.05
C PRO B 97 -17.90 -16.23 -10.05
N GLU B 98 -17.74 -15.56 -8.90
CA GLU B 98 -16.92 -14.36 -8.88
C GLU B 98 -15.44 -14.65 -8.66
N VAL B 99 -15.07 -15.90 -8.42
CA VAL B 99 -13.68 -16.25 -8.12
C VAL B 99 -12.86 -16.29 -9.41
N ALA B 100 -11.76 -15.52 -9.44
CA ALA B 100 -10.82 -15.57 -10.57
C ALA B 100 -9.72 -16.59 -10.29
N TRP B 101 -9.48 -17.47 -11.26
CA TRP B 101 -8.56 -18.59 -11.10
C TRP B 101 -7.33 -18.43 -12.00
N VAL B 102 -6.15 -18.59 -11.41
CA VAL B 102 -4.90 -18.73 -12.13
C VAL B 102 -4.68 -20.22 -12.39
N THR B 103 -4.52 -20.58 -13.66
CA THR B 103 -4.39 -21.99 -13.99
C THR B 103 -3.05 -22.35 -14.60
N LYS B 104 -2.22 -21.38 -14.98
CA LYS B 104 -1.01 -21.76 -15.70
C LYS B 104 0.04 -20.66 -15.59
N SER B 105 1.28 -21.07 -15.75
CA SER B 105 2.43 -20.18 -15.88
C SER B 105 3.01 -20.41 -17.26
N GLY B 106 3.14 -19.35 -18.04
CA GLY B 106 3.50 -19.51 -19.43
C GLY B 106 2.52 -20.44 -20.11
N ASN B 107 3.05 -21.55 -20.68
CA ASN B 107 2.23 -22.56 -21.32
C ASN B 107 1.90 -23.74 -20.41
N SER B 108 2.45 -23.79 -19.20
CA SER B 108 2.39 -24.97 -18.36
C SER B 108 1.26 -24.82 -17.34
N ASP B 109 0.35 -25.79 -17.33
CA ASP B 109 -0.70 -25.82 -16.32
C ASP B 109 -0.10 -26.02 -14.94
N LEU B 110 -0.69 -25.34 -13.96
CA LEU B 110 -0.36 -25.61 -12.56
C LEU B 110 -0.90 -26.99 -12.18
N GLN B 111 -0.35 -27.55 -11.09
CA GLN B 111 -0.86 -28.82 -10.59
C GLN B 111 -2.33 -28.67 -10.18
N GLU B 112 -2.64 -27.61 -9.44
CA GLU B 112 -4.01 -27.27 -9.09
C GLU B 112 -4.18 -25.77 -9.34
N PRO B 113 -5.35 -25.34 -9.81
CA PRO B 113 -5.60 -23.91 -9.92
C PRO B 113 -5.52 -23.23 -8.57
N ILE B 114 -5.12 -21.97 -8.57
CA ILE B 114 -5.11 -21.16 -7.38
C ILE B 114 -5.91 -19.90 -7.67
N ALA B 115 -6.59 -19.41 -6.65
CA ALA B 115 -7.53 -18.30 -6.83
C ALA B 115 -6.90 -16.99 -6.37
N LEU B 116 -7.40 -15.89 -6.93
CA LEU B 116 -7.02 -14.55 -6.49
C LEU B 116 -7.90 -14.10 -5.33
N ARG B 117 -7.28 -13.54 -4.30
CA ARG B 117 -7.91 -12.95 -3.11
C ARG B 117 -9.21 -12.22 -3.41
N PRO B 118 -10.39 -12.76 -3.00
CA PRO B 118 -11.64 -11.98 -3.09
C PRO B 118 -11.97 -11.32 -1.75
N THR B 119 -11.21 -11.75 -0.73
CA THR B 119 -11.26 -11.36 0.67
C THR B 119 -10.38 -12.39 1.37
N SER B 120 -9.93 -12.15 2.60
CA SER B 120 -8.82 -12.95 3.09
C SER B 120 -9.15 -13.84 4.29
N GLU B 121 -10.43 -14.09 4.58
CA GLU B 121 -10.77 -14.99 5.68
C GLU B 121 -10.06 -16.34 5.55
N THR B 122 -10.15 -16.98 4.38
CA THR B 122 -9.62 -18.32 4.20
C THR B 122 -8.10 -18.31 4.03
N ILE B 123 -7.51 -17.14 3.78
CA ILE B 123 -6.06 -16.98 3.67
C ILE B 123 -5.44 -16.78 5.05
N MET B 124 -6.12 -16.05 5.92
CA MET B 124 -5.58 -15.61 7.20
C MET B 124 -5.92 -16.56 8.34
N TYR B 125 -7.12 -17.15 8.33
CA TYR B 125 -7.56 -17.82 9.57
C TYR B 125 -6.84 -19.13 9.86
N PRO B 126 -6.32 -19.88 8.87
CA PRO B 126 -5.43 -21.00 9.24
C PRO B 126 -4.22 -20.55 10.03
N SER B 127 -3.68 -19.35 9.73
CA SER B 127 -2.58 -18.81 10.54
C SER B 127 -3.05 -18.41 11.93
N TYR B 128 -4.24 -17.80 12.04
CA TYR B 128 -4.79 -17.45 13.34
C TYR B 128 -4.88 -18.69 14.23
N ALA B 129 -5.27 -19.83 13.65
CA ALA B 129 -5.36 -21.07 14.42
C ALA B 129 -3.99 -21.55 14.88
N LYS B 130 -2.94 -21.32 14.09
CA LYS B 130 -1.61 -21.70 14.54
C LYS B 130 -1.08 -20.70 15.58
N TRP B 131 -1.32 -19.41 15.37
CA TRP B 131 -0.72 -18.38 16.20
C TRP B 131 -1.38 -18.25 17.57
N ILE B 132 -2.68 -18.56 17.67
CA ILE B 132 -3.41 -18.39 18.90
C ILE B 132 -3.46 -19.72 19.64
N GLN B 133 -2.91 -19.74 20.84
CA GLN B 133 -2.89 -20.93 21.66
C GLN B 133 -3.27 -20.67 23.12
N SER B 134 -3.06 -19.48 23.64
CA SER B 134 -3.37 -19.13 25.01
C SER B 134 -4.19 -17.84 25.03
N HIS B 135 -4.92 -17.63 26.12
CA HIS B 135 -5.58 -16.34 26.29
C HIS B 135 -4.57 -15.20 26.23
N ARG B 136 -3.30 -15.47 26.56
CA ARG B 136 -2.27 -14.43 26.49
C ARG B 136 -1.99 -14.00 25.05
N ASP B 137 -2.34 -14.81 24.05
CA ASP B 137 -2.20 -14.43 22.64
C ASP B 137 -3.32 -13.53 22.15
N LEU B 138 -4.26 -13.16 23.00
CA LEU B 138 -5.43 -12.40 22.58
C LEU B 138 -5.50 -11.08 23.32
N PRO B 139 -6.02 -10.02 22.70
CA PRO B 139 -6.57 -10.04 21.34
C PRO B 139 -5.51 -10.02 20.25
N LEU B 140 -5.86 -10.56 19.09
CA LEU B 140 -5.03 -10.51 17.90
C LEU B 140 -5.79 -9.66 16.90
N LYS B 141 -5.22 -8.51 16.51
CA LYS B 141 -5.93 -7.53 15.69
C LYS B 141 -5.02 -7.10 14.54
N LEU B 142 -5.31 -7.59 13.34
CA LEU B 142 -4.46 -7.37 12.18
C LEU B 142 -5.24 -6.68 11.08
N ASN B 143 -4.54 -5.87 10.29
CA ASN B 143 -5.15 -5.12 9.20
C ASN B 143 -4.23 -5.21 8.00
N GLN B 144 -4.80 -5.16 6.80
CA GLN B 144 -3.92 -5.06 5.64
C GLN B 144 -4.57 -4.20 4.57
N TRP B 145 -3.75 -3.39 3.90
CA TRP B 145 -4.15 -2.56 2.78
C TRP B 145 -3.76 -3.31 1.51
N THR B 146 -4.74 -3.78 0.75
CA THR B 146 -4.49 -4.74 -0.32
CA THR B 146 -4.38 -4.60 -0.40
C THR B 146 -5.41 -4.47 -1.51
N ASN B 147 -5.06 -5.09 -2.64
CA ASN B 147 -5.98 -5.17 -3.77
C ASN B 147 -6.80 -6.45 -3.67
N VAL B 148 -7.99 -6.42 -4.25
CA VAL B 148 -8.97 -7.49 -4.15
C VAL B 148 -9.52 -7.73 -5.54
N VAL B 149 -9.81 -8.98 -5.88
CA VAL B 149 -10.30 -9.32 -7.20
C VAL B 149 -11.61 -10.06 -7.07
N ARG B 150 -12.66 -9.53 -7.69
CA ARG B 150 -13.92 -10.25 -7.78
C ARG B 150 -14.44 -10.12 -9.21
N TRP B 151 -14.81 -11.26 -9.80
CA TRP B 151 -15.29 -11.25 -11.19
C TRP B 151 -16.76 -10.86 -11.18
N GLU B 152 -17.00 -9.57 -10.93
CA GLU B 152 -18.34 -9.05 -10.78
C GLU B 152 -19.17 -9.34 -12.03
N PHE B 153 -20.35 -9.90 -11.83
CA PHE B 153 -21.32 -10.09 -12.92
C PHE B 153 -22.06 -8.80 -13.24
N LYS B 154 -22.32 -7.98 -12.24
CA LYS B 154 -22.97 -6.69 -12.47
C LYS B 154 -22.07 -5.77 -13.29
N HIS B 155 -22.70 -4.85 -14.00
CA HIS B 155 -21.99 -3.83 -14.76
C HIS B 155 -21.00 -3.10 -13.86
N ALA B 156 -19.76 -2.95 -14.34
CA ALA B 156 -18.76 -2.23 -13.56
C ALA B 156 -19.07 -0.74 -13.53
N VAL B 157 -18.74 -0.12 -12.40
CA VAL B 157 -18.92 1.31 -12.20
C VAL B 157 -17.61 1.83 -11.61
N PRO B 158 -16.92 2.78 -12.26
CA PRO B 158 -15.67 3.29 -11.70
C PRO B 158 -15.80 3.62 -10.21
N PHE B 159 -14.84 3.11 -9.43
CA PHE B 159 -14.76 3.23 -7.97
C PHE B 159 -15.82 2.40 -7.24
N ILE B 160 -17.09 2.59 -7.61
CA ILE B 160 -18.19 1.96 -6.85
C ILE B 160 -18.11 0.44 -6.95
N ARG B 161 -17.88 -0.07 -8.16
CA ARG B 161 -17.89 -1.53 -8.37
C ARG B 161 -16.90 -1.85 -9.49
N SER B 162 -15.65 -2.14 -9.10
CA SER B 162 -14.61 -2.51 -10.05
C SER B 162 -14.17 -3.95 -9.80
N ARG B 163 -13.65 -4.59 -10.86
CA ARG B 163 -13.26 -5.99 -10.73
C ARG B 163 -11.96 -6.16 -9.96
N GLU B 164 -11.05 -5.20 -10.07
CA GLU B 164 -9.99 -5.04 -9.09
C GLU B 164 -10.32 -3.79 -8.28
N PHE B 165 -10.27 -3.91 -6.96
CA PHE B 165 -10.44 -2.72 -6.13
C PHE B 165 -9.45 -2.77 -4.96
N TYR B 166 -9.35 -1.67 -4.25
CA TYR B 166 -8.40 -1.53 -3.15
C TYR B 166 -9.17 -1.30 -1.86
N TRP B 167 -8.71 -1.92 -0.77
CA TRP B 167 -9.40 -1.76 0.50
C TRP B 167 -8.41 -1.92 1.64
N GLN B 168 -8.89 -1.71 2.85
CA GLN B 168 -8.28 -2.32 4.01
C GLN B 168 -9.25 -3.38 4.50
N GLU B 169 -8.72 -4.50 4.97
CA GLU B 169 -9.53 -5.46 5.70
C GLU B 169 -8.89 -5.71 7.05
N GLY B 170 -9.69 -5.59 8.10
CA GLY B 170 -9.25 -5.86 9.46
C GLY B 170 -9.89 -7.15 9.95
N HIS B 171 -9.11 -7.94 10.67
CA HIS B 171 -9.54 -9.25 11.17
C HIS B 171 -9.05 -9.37 12.60
N SER B 172 -9.97 -9.43 13.55
CA SER B 172 -9.62 -9.45 14.96
C SER B 172 -10.17 -10.68 15.64
N ALA B 173 -9.44 -11.16 16.66
CA ALA B 173 -9.86 -12.28 17.48
C ALA B 173 -9.76 -11.90 18.95
N PHE B 174 -10.76 -12.33 19.73
CA PHE B 174 -10.89 -11.93 21.14
C PHE B 174 -11.22 -13.14 22.00
N LYS B 175 -10.96 -13.01 23.31
CA LYS B 175 -11.39 -14.08 24.21
C LYS B 175 -12.86 -13.96 24.61
N SER B 176 -13.52 -12.83 24.39
CA SER B 176 -14.90 -12.70 24.80
C SER B 176 -15.72 -11.97 23.75
N LYS B 177 -17.02 -12.23 23.78
CA LYS B 177 -17.95 -11.53 22.89
C LYS B 177 -18.00 -10.04 23.21
N GLU B 178 -17.93 -9.67 24.50
CA GLU B 178 -18.04 -8.26 24.88
C GLU B 178 -16.94 -7.42 24.23
N GLU B 179 -15.70 -7.91 24.25
CA GLU B 179 -14.60 -7.18 23.60
CA GLU B 179 -14.62 -7.16 23.61
C GLU B 179 -14.84 -7.07 22.10
N ALA B 180 -15.31 -8.15 21.49
CA ALA B 180 -15.54 -8.13 20.05
C ALA B 180 -16.65 -7.16 19.70
N ASP B 181 -17.76 -7.19 20.44
CA ASP B 181 -18.87 -6.26 20.21
C ASP B 181 -18.38 -4.82 20.23
N GLU B 182 -17.60 -4.47 21.26
CA GLU B 182 -17.10 -3.10 21.36
C GLU B 182 -16.31 -2.70 20.13
N GLU B 183 -15.45 -3.60 19.61
CA GLU B 183 -14.67 -3.26 18.43
C GLU B 183 -15.55 -3.01 17.20
N VAL B 184 -16.58 -3.84 16.99
CA VAL B 184 -17.44 -3.68 15.82
C VAL B 184 -17.92 -2.23 15.69
N PHE B 185 -18.42 -1.68 16.79
CA PHE B 185 -18.98 -0.34 16.74
C PHE B 185 -17.92 0.74 16.84
N THR B 186 -16.75 0.44 17.42
CA THR B 186 -15.64 1.38 17.35
C THR B 186 -15.16 1.56 15.91
N ILE B 187 -15.02 0.45 15.17
CA ILE B 187 -14.61 0.56 13.77
C ILE B 187 -15.70 1.24 12.96
N LEU B 188 -16.97 0.88 13.20
CA LEU B 188 -18.06 1.51 12.47
C LEU B 188 -18.03 3.02 12.65
N GLU B 189 -17.73 3.48 13.87
CA GLU B 189 -17.60 4.92 14.10
C GLU B 189 -16.41 5.50 13.32
N LEU B 190 -15.32 4.74 13.20
CA LEU B 190 -14.20 5.24 12.41
C LEU B 190 -14.59 5.38 10.94
N TYR B 191 -15.41 4.46 10.42
CA TYR B 191 -15.85 4.59 9.04
C TYR B 191 -16.74 5.82 8.87
N LYS B 192 -17.61 6.06 9.83
CA LYS B 192 -18.37 7.31 9.83
C LYS B 192 -17.45 8.51 9.80
N ARG B 193 -16.36 8.48 10.59
CA ARG B 193 -15.44 9.62 10.60
C ARG B 193 -14.71 9.76 9.27
N VAL B 194 -14.32 8.64 8.63
CA VAL B 194 -13.72 8.75 7.30
C VAL B 194 -14.66 9.50 6.36
N TYR B 195 -15.91 9.05 6.27
CA TYR B 195 -16.84 9.66 5.33
C TYR B 195 -17.12 11.12 5.69
N GLU B 196 -17.39 11.40 6.97
CA GLU B 196 -17.85 12.74 7.32
C GLU B 196 -16.70 13.72 7.49
N GLU B 197 -15.65 13.31 8.21
CA GLU B 197 -14.57 14.26 8.52
C GLU B 197 -13.58 14.39 7.37
N LEU B 198 -13.36 13.35 6.57
CA LEU B 198 -12.46 13.46 5.43
CA LEU B 198 -12.46 13.48 5.43
C LEU B 198 -13.19 13.78 4.14
N LEU B 199 -14.28 13.07 3.85
CA LEU B 199 -14.93 13.17 2.55
C LEU B 199 -16.17 14.07 2.55
N ALA B 200 -16.56 14.62 3.70
CA ALA B 200 -17.75 15.48 3.83
C ALA B 200 -19.01 14.81 3.29
N VAL B 201 -19.09 13.49 3.47
CA VAL B 201 -20.24 12.68 3.06
C VAL B 201 -20.96 12.19 4.32
N PRO B 202 -22.26 12.45 4.46
CA PRO B 202 -22.99 11.99 5.64
C PRO B 202 -23.34 10.51 5.53
N VAL B 203 -23.44 9.85 6.69
CA VAL B 203 -23.74 8.42 6.72
C VAL B 203 -24.88 8.16 7.68
N ILE B 204 -25.50 7.00 7.50
CA ILE B 204 -26.45 6.43 8.45
C ILE B 204 -25.89 5.08 8.92
N LYS B 205 -25.68 4.92 10.22
CA LYS B 205 -25.22 3.64 10.75
C LYS B 205 -26.40 2.71 10.97
N GLY B 206 -26.22 1.43 10.66
CA GLY B 206 -27.30 0.49 10.92
C GLY B 206 -26.81 -0.93 10.86
N THR B 207 -27.72 -1.85 11.16
CA THR B 207 -27.47 -3.30 11.09
CA THR B 207 -27.43 -3.28 11.05
C THR B 207 -28.14 -3.85 9.84
N LYS B 208 -27.45 -4.74 9.13
CA LYS B 208 -28.10 -5.35 7.96
C LYS B 208 -29.12 -6.40 8.39
N THR B 209 -30.14 -6.59 7.54
CA THR B 209 -31.10 -7.66 7.78
C THR B 209 -30.44 -9.01 7.56
N GLU B 210 -31.16 -10.08 7.90
CA GLU B 210 -30.59 -11.43 7.81
C GLU B 210 -30.22 -11.78 6.37
N ASN B 211 -31.03 -11.36 5.41
CA ASN B 211 -30.72 -11.66 4.01
C ASN B 211 -29.47 -10.94 3.53
N GLU B 212 -29.21 -9.74 4.04
CA GLU B 212 -28.10 -8.95 3.53
C GLU B 212 -26.81 -9.09 4.32
N LYS B 213 -26.87 -9.63 5.54
CA LYS B 213 -25.65 -9.75 6.31
CA LYS B 213 -25.64 -9.75 6.31
C LYS B 213 -24.72 -10.79 5.69
N PHE B 214 -23.44 -10.69 6.01
CA PHE B 214 -22.45 -11.68 5.61
C PHE B 214 -22.84 -13.05 6.18
N ALA B 215 -22.83 -14.08 5.33
CA ALA B 215 -23.25 -15.41 5.78
C ALA B 215 -22.40 -15.92 6.94
N GLY B 216 -21.11 -15.59 6.98
CA GLY B 216 -20.33 -15.99 8.12
C GLY B 216 -20.52 -15.19 9.41
N ALA B 217 -21.31 -14.12 9.41
CA ALA B 217 -21.40 -13.23 10.56
C ALA B 217 -22.61 -13.53 11.43
N ASP B 218 -22.45 -13.31 12.74
CA ASP B 218 -23.63 -13.28 13.60
CA ASP B 218 -23.62 -13.27 13.61
C ASP B 218 -24.45 -12.03 13.34
N TYR B 219 -23.80 -10.89 13.13
CA TYR B 219 -24.49 -9.68 12.70
C TYR B 219 -23.51 -8.81 11.92
N THR B 220 -24.06 -7.99 11.03
CA THR B 220 -23.29 -7.11 10.15
C THR B 220 -23.77 -5.69 10.33
N THR B 221 -22.84 -4.76 10.58
CA THR B 221 -23.16 -3.34 10.59
C THR B 221 -22.58 -2.66 9.36
N THR B 222 -23.16 -1.51 9.03
CA THR B 222 -22.84 -0.82 7.79
C THR B 222 -23.00 0.68 7.99
N VAL B 223 -22.24 1.46 7.20
CA VAL B 223 -22.53 2.89 7.03
C VAL B 223 -23.13 3.04 5.64
N GLU B 224 -24.38 3.48 5.59
CA GLU B 224 -25.08 3.72 4.33
C GLU B 224 -24.87 5.17 3.89
N THR B 225 -24.69 5.36 2.59
CA THR B 225 -24.56 6.67 1.98
C THR B 225 -25.60 6.78 0.88
N PHE B 226 -25.82 8.00 0.40
CA PHE B 226 -26.95 8.27 -0.48
C PHE B 226 -26.52 9.16 -1.64
N ILE B 227 -26.86 8.74 -2.84
CA ILE B 227 -26.60 9.52 -4.05
C ILE B 227 -27.92 10.20 -4.43
N ALA B 228 -28.01 11.51 -4.17
CA ALA B 228 -29.27 12.20 -4.39
C ALA B 228 -29.66 12.33 -5.86
N THR B 229 -28.68 12.34 -6.77
CA THR B 229 -29.00 12.60 -8.18
C THR B 229 -29.96 11.55 -8.74
N ASN B 230 -29.71 10.26 -8.48
CA ASN B 230 -30.60 9.22 -8.93
C ASN B 230 -31.27 8.47 -7.78
N GLY B 231 -31.20 9.02 -6.57
CA GLY B 231 -31.95 8.46 -5.45
C GLY B 231 -31.57 7.03 -5.11
N ARG B 232 -30.27 6.76 -5.01
CA ARG B 232 -29.76 5.42 -4.74
C ARG B 232 -28.83 5.41 -3.54
N ALA B 233 -28.95 4.36 -2.73
CA ALA B 233 -28.03 4.16 -1.63
C ALA B 233 -26.77 3.45 -2.13
N VAL B 234 -25.68 3.66 -1.39
CA VAL B 234 -24.41 2.96 -1.59
C VAL B 234 -23.96 2.42 -0.24
N GLN B 235 -23.77 1.11 -0.13
CA GLN B 235 -23.20 0.53 1.09
C GLN B 235 -21.74 0.95 1.21
N GLY B 236 -21.43 1.75 2.23
CA GLY B 236 -20.17 2.48 2.23
C GLY B 236 -19.03 1.82 2.95
N GLY B 237 -19.30 0.80 3.75
CA GLY B 237 -18.29 0.19 4.59
C GLY B 237 -18.96 -0.78 5.53
N THR B 238 -18.24 -1.81 5.98
CA THR B 238 -18.89 -2.93 6.62
C THR B 238 -18.11 -3.37 7.85
N SER B 239 -18.80 -3.66 8.94
CA SER B 239 -18.13 -4.13 10.15
C SER B 239 -18.94 -5.29 10.74
N HIS B 240 -18.36 -6.49 10.75
CA HIS B 240 -19.05 -7.72 11.14
C HIS B 240 -18.62 -8.20 12.51
N HIS B 241 -19.58 -8.73 13.27
CA HIS B 241 -19.27 -9.64 14.36
C HIS B 241 -19.46 -11.06 13.84
N LEU B 242 -18.38 -11.83 13.80
CA LEU B 242 -18.40 -13.19 13.30
C LEU B 242 -18.71 -14.21 14.38
N GLY B 243 -18.79 -13.80 15.64
CA GLY B 243 -19.02 -14.76 16.71
C GLY B 243 -17.91 -15.80 16.72
N GLN B 244 -18.31 -17.05 16.91
CA GLN B 244 -17.40 -18.21 16.83
C GLN B 244 -17.59 -19.01 15.54
N ASN B 245 -18.24 -18.42 14.53
CA ASN B 245 -18.54 -19.16 13.30
C ASN B 245 -17.27 -19.58 12.57
N PHE B 246 -16.32 -18.64 12.42
CA PHE B 246 -15.08 -18.98 11.75
C PHE B 246 -14.10 -19.70 12.67
N SER B 247 -14.10 -19.40 13.97
CA SER B 247 -13.16 -20.08 14.84
C SER B 247 -13.53 -21.55 15.02
N LYS B 248 -14.82 -21.88 14.92
CA LYS B 248 -15.20 -23.30 14.86
C LYS B 248 -14.79 -23.92 13.54
N MET B 249 -14.94 -23.19 12.44
CA MET B 249 -14.57 -23.69 11.12
C MET B 249 -13.08 -23.96 11.03
N PHE B 250 -12.26 -23.04 11.53
CA PHE B 250 -10.82 -23.11 11.37
C PHE B 250 -10.11 -23.58 12.64
N LYS B 251 -10.85 -23.99 13.66
CA LYS B 251 -10.30 -24.46 14.93
C LYS B 251 -9.33 -23.42 15.51
N ILE B 252 -9.80 -22.18 15.62
CA ILE B 252 -9.07 -21.12 16.31
C ILE B 252 -9.48 -21.19 17.77
N GLN B 253 -8.62 -21.79 18.59
CA GLN B 253 -8.94 -22.12 19.98
C GLN B 253 -7.83 -21.61 20.88
N PHE B 254 -8.16 -21.44 22.15
CA PHE B 254 -7.15 -20.98 23.10
C PHE B 254 -7.41 -21.60 24.46
N GLU B 255 -6.33 -21.80 25.21
CA GLU B 255 -6.46 -22.19 26.61
C GLU B 255 -6.86 -20.96 27.43
N ALA B 256 -8.03 -21.03 28.05
CA ALA B 256 -8.53 -19.93 28.84
C ALA B 256 -7.92 -19.94 30.23
N GLU B 257 -8.22 -18.89 30.99
CA GLU B 257 -7.69 -18.79 32.35
C GLU B 257 -8.13 -19.96 33.22
N ASN B 258 -9.32 -20.52 32.98
CA ASN B 258 -9.79 -21.66 33.76
C ASN B 258 -9.31 -23.00 33.22
N LYS B 259 -8.33 -22.99 32.31
CA LYS B 259 -7.72 -24.16 31.69
C LYS B 259 -8.61 -24.85 30.67
N GLU B 260 -9.83 -24.35 30.42
CA GLU B 260 -10.63 -24.88 29.33
C GLU B 260 -10.07 -24.44 27.99
N THR B 261 -10.33 -25.26 26.97
CA THR B 261 -10.11 -24.85 25.59
C THR B 261 -11.39 -24.21 25.06
N GLN B 262 -11.27 -23.01 24.51
CA GLN B 262 -12.42 -22.25 24.05
C GLN B 262 -12.18 -21.71 22.64
N PHE B 263 -13.26 -21.51 21.91
CA PHE B 263 -13.16 -20.90 20.59
C PHE B 263 -13.11 -19.38 20.70
N ALA B 264 -12.23 -18.77 19.91
CA ALA B 264 -12.12 -17.32 19.90
C ALA B 264 -13.37 -16.67 19.29
N TYR B 265 -13.63 -15.43 19.70
CA TYR B 265 -14.62 -14.59 19.07
C TYR B 265 -13.91 -13.69 18.06
N GLN B 266 -14.53 -13.50 16.90
CA GLN B 266 -13.87 -12.79 15.81
C GLN B 266 -14.75 -11.72 15.21
N ASN B 267 -14.10 -10.71 14.64
CA ASN B 267 -14.72 -9.69 13.82
C ASN B 267 -13.93 -9.56 12.52
N SER B 268 -14.56 -8.99 11.49
CA SER B 268 -13.83 -8.48 10.36
C SER B 268 -14.55 -7.25 9.83
N TRP B 269 -13.81 -6.39 9.11
CA TRP B 269 -14.36 -5.11 8.70
C TRP B 269 -13.55 -4.60 7.52
N GLY B 270 -14.22 -3.93 6.60
CA GLY B 270 -13.55 -3.49 5.39
C GLY B 270 -14.12 -2.20 4.84
N LEU B 271 -13.24 -1.43 4.17
CA LEU B 271 -13.56 -0.13 3.58
C LEU B 271 -12.73 -0.02 2.32
N SER B 272 -13.34 0.33 1.18
CA SER B 272 -12.66 0.25 -0.11
C SER B 272 -12.62 1.59 -0.83
N THR B 273 -12.01 1.58 -2.01
CA THR B 273 -11.98 2.76 -2.87
C THR B 273 -13.36 3.13 -3.42
N ARG B 274 -14.40 2.36 -3.11
CA ARG B 274 -15.77 2.83 -3.32
C ARG B 274 -15.99 4.21 -2.69
N THR B 275 -15.33 4.49 -1.56
CA THR B 275 -15.33 5.82 -0.93
C THR B 275 -15.17 6.95 -1.94
N LEU B 276 -14.21 6.79 -2.85
CA LEU B 276 -13.91 7.86 -3.80
C LEU B 276 -15.10 8.11 -4.73
N GLY B 277 -15.76 7.03 -5.16
CA GLY B 277 -16.91 7.20 -6.03
C GLY B 277 -18.07 7.90 -5.33
N VAL B 278 -18.31 7.54 -4.07
CA VAL B 278 -19.37 8.22 -3.31
C VAL B 278 -19.05 9.70 -3.18
N MET B 279 -17.80 10.02 -2.82
CA MET B 279 -17.37 11.40 -2.69
C MET B 279 -17.67 12.20 -3.96
N ILE B 280 -17.37 11.62 -5.12
CA ILE B 280 -17.54 12.33 -6.38
C ILE B 280 -19.02 12.44 -6.73
N MET B 281 -19.77 11.35 -6.57
CA MET B 281 -21.19 11.38 -6.91
C MET B 281 -21.96 12.35 -6.03
N VAL B 282 -21.52 12.51 -4.78
CA VAL B 282 -22.21 13.43 -3.87
C VAL B 282 -21.86 14.87 -4.19
N HIS B 283 -20.56 15.19 -4.29
CA HIS B 283 -20.13 16.58 -4.31
C HIS B 283 -19.87 17.16 -5.70
N GLY B 284 -19.62 16.32 -6.70
CA GLY B 284 -19.30 16.84 -8.01
C GLY B 284 -20.43 17.67 -8.59
N ASP B 285 -20.09 18.65 -9.42
CA ASP B 285 -21.13 19.47 -10.01
C ASP B 285 -20.89 19.64 -11.51
N ASP B 286 -21.62 20.57 -12.14
CA ASP B 286 -21.55 20.70 -13.58
C ASP B 286 -20.26 21.35 -14.08
N LYS B 287 -19.44 21.90 -13.19
CA LYS B 287 -18.12 22.37 -13.57
C LYS B 287 -17.03 21.33 -13.35
N GLY B 288 -17.35 20.23 -12.69
CA GLY B 288 -16.39 19.17 -12.49
C GLY B 288 -16.26 18.72 -11.05
N MET B 289 -15.05 18.32 -10.68
CA MET B 289 -14.76 17.83 -9.34
CA MET B 289 -14.82 17.83 -9.33
C MET B 289 -14.97 18.94 -8.30
N VAL B 290 -15.39 18.55 -7.11
CA VAL B 290 -15.42 19.44 -5.95
C VAL B 290 -14.77 18.66 -4.81
N LEU B 291 -13.53 19.03 -4.45
CA LEU B 291 -12.80 18.18 -3.51
C LEU B 291 -13.00 18.64 -2.07
N PRO B 292 -13.37 17.74 -1.17
CA PRO B 292 -13.34 18.06 0.25
C PRO B 292 -11.92 18.45 0.65
N PRO B 293 -11.74 19.57 1.37
CA PRO B 293 -10.38 20.11 1.56
C PRO B 293 -9.37 19.14 2.15
N ARG B 294 -9.78 18.24 3.04
CA ARG B 294 -8.81 17.37 3.73
C ARG B 294 -8.29 16.25 2.84
N VAL B 295 -8.86 16.03 1.66
CA VAL B 295 -8.31 15.05 0.74
C VAL B 295 -7.96 15.67 -0.62
N ALA B 296 -7.96 16.99 -0.72
CA ALA B 296 -7.69 17.67 -1.98
C ALA B 296 -6.18 17.71 -2.24
N PHE B 297 -5.76 17.17 -3.39
CA PHE B 297 -4.33 17.18 -3.73
C PHE B 297 -3.74 18.60 -3.65
N CYS B 298 -4.54 19.59 -4.04
CA CYS B 298 -4.20 21.00 -3.90
C CYS B 298 -5.39 21.66 -3.21
N GLN B 299 -5.14 22.26 -2.05
CA GLN B 299 -6.21 22.89 -1.29
C GLN B 299 -6.48 24.32 -1.75
N VAL B 300 -5.42 25.04 -2.14
CA VAL B 300 -5.53 26.46 -2.46
C VAL B 300 -4.66 26.72 -3.68
N VAL B 301 -5.21 27.42 -4.68
CA VAL B 301 -4.43 27.86 -5.82
C VAL B 301 -4.38 29.39 -5.79
N VAL B 302 -3.17 29.94 -5.91
CA VAL B 302 -2.93 31.38 -5.86
C VAL B 302 -2.66 31.83 -7.28
N ILE B 303 -3.44 32.79 -7.77
CA ILE B 303 -3.32 33.22 -9.17
C ILE B 303 -3.08 34.72 -9.23
N PRO B 304 -1.86 35.17 -9.57
CA PRO B 304 -1.63 36.61 -9.75
C PRO B 304 -2.20 37.10 -11.08
N LEU B 305 -2.90 38.24 -11.02
CA LEU B 305 -3.57 38.80 -12.19
C LEU B 305 -2.64 39.82 -12.85
N ILE B 306 -2.06 39.45 -13.99
CA ILE B 306 -1.15 40.32 -14.72
C ILE B 306 -1.78 40.80 -16.03
N ASN B 312 5.30 45.11 -12.76
CA ASN B 312 4.47 44.17 -12.02
C ASN B 312 5.28 43.43 -10.94
N ALA B 313 6.49 43.93 -10.67
CA ALA B 313 7.41 43.23 -9.76
C ALA B 313 6.90 43.19 -8.33
N THR B 314 6.14 44.20 -7.90
CA THR B 314 5.61 44.19 -6.55
C THR B 314 4.53 43.12 -6.39
N LEU B 315 3.64 43.00 -7.39
CA LEU B 315 2.60 41.98 -7.35
C LEU B 315 3.22 40.58 -7.29
N VAL B 316 4.28 40.36 -8.05
CA VAL B 316 4.96 39.06 -8.05
C VAL B 316 5.50 38.76 -6.66
N GLU B 317 6.07 39.76 -5.99
CA GLU B 317 6.64 39.52 -4.67
C GLU B 317 5.56 39.25 -3.64
N LYS B 318 4.47 40.03 -3.66
CA LYS B 318 3.39 39.82 -2.71
C LYS B 318 2.73 38.47 -2.92
N THR B 319 2.57 38.08 -4.19
CA THR B 319 1.99 36.78 -4.51
C THR B 319 2.87 35.65 -3.98
N LYS B 320 4.19 35.77 -4.15
CA LYS B 320 5.10 34.77 -3.60
C LYS B 320 5.01 34.74 -2.07
N GLU B 321 4.87 35.90 -1.44
CA GLU B 321 4.75 35.92 0.01
C GLU B 321 3.47 35.23 0.47
N ILE B 322 2.36 35.44 -0.25
CA ILE B 322 1.11 34.75 0.06
C ILE B 322 1.29 33.24 -0.08
N TYR B 323 1.88 32.81 -1.19
CA TYR B 323 2.18 31.39 -1.36
C TYR B 323 3.03 30.85 -0.21
N ASN B 324 4.09 31.59 0.15
CA ASN B 324 5.03 31.10 1.17
C ASN B 324 4.36 30.95 2.52
N GLU B 325 3.50 31.91 2.90
CA GLU B 325 2.77 31.79 4.16
C GLU B 325 1.97 30.50 4.22
N LEU B 326 1.31 30.14 3.11
CA LEU B 326 0.47 28.96 3.13
C LEU B 326 1.32 27.69 3.11
N GLU B 327 2.40 27.68 2.31
CA GLU B 327 3.28 26.52 2.29
C GLU B 327 3.86 26.24 3.67
N LYS B 328 4.32 27.28 4.37
CA LYS B 328 4.88 27.11 5.72
C LYS B 328 3.83 26.59 6.70
N ALA B 329 2.56 26.91 6.47
CA ALA B 329 1.50 26.44 7.35
C ALA B 329 1.09 24.99 7.07
N GLY B 330 1.71 24.33 6.09
CA GLY B 330 1.32 22.97 5.78
C GLY B 330 0.11 22.86 4.86
N ILE B 331 -0.35 23.97 4.30
CA ILE B 331 -1.43 23.93 3.33
C ILE B 331 -0.87 23.51 1.99
N ARG B 332 -1.62 22.68 1.27
CA ARG B 332 -1.18 22.23 -0.04
C ARG B 332 -1.57 23.31 -1.05
N VAL B 333 -0.60 24.16 -1.41
CA VAL B 333 -0.85 25.35 -2.19
C VAL B 333 -0.08 25.28 -3.51
N LYS B 334 -0.70 25.78 -4.57
CA LYS B 334 -0.01 25.97 -5.85
C LYS B 334 -0.04 27.44 -6.24
N LEU B 335 1.03 27.89 -6.91
CA LEU B 335 1.10 29.23 -7.46
C LEU B 335 1.01 29.11 -8.99
N ASP B 336 -0.11 29.55 -9.56
CA ASP B 336 -0.31 29.44 -11.01
C ASP B 336 -0.01 30.79 -11.66
N ASP B 337 1.26 31.00 -11.97
CA ASP B 337 1.73 32.22 -12.62
C ASP B 337 1.98 32.02 -14.11
N ARG B 338 1.25 31.11 -14.76
CA ARG B 338 1.41 30.89 -16.19
C ARG B 338 1.00 32.13 -16.98
N LEU B 339 1.83 32.49 -17.97
CA LEU B 339 1.82 33.84 -18.51
C LEU B 339 0.70 34.08 -19.54
N GLU B 340 0.60 33.23 -20.56
CA GLU B 340 -0.27 33.53 -21.70
C GLU B 340 -1.66 32.93 -21.56
N ARG B 341 -2.28 33.02 -20.38
CA ARG B 341 -3.58 32.40 -20.16
C ARG B 341 -4.49 33.36 -19.40
N THR B 342 -5.74 33.51 -19.85
CA THR B 342 -6.64 34.44 -19.20
C THR B 342 -6.93 33.96 -17.77
N PRO B 343 -7.25 34.88 -16.86
CA PRO B 343 -7.74 34.45 -15.55
C PRO B 343 -8.81 33.39 -15.65
N GLY B 344 -9.80 33.58 -16.52
CA GLY B 344 -10.90 32.64 -16.62
C GLY B 344 -10.47 31.26 -17.06
N TRP B 345 -9.41 31.17 -17.87
CA TRP B 345 -8.90 29.87 -18.29
C TRP B 345 -8.29 29.13 -17.11
N LYS B 346 -7.44 29.81 -16.33
CA LYS B 346 -6.90 29.21 -15.12
C LYS B 346 -8.01 28.85 -14.14
N TYR B 347 -9.02 29.72 -13.99
CA TYR B 347 -10.10 29.42 -13.07
C TYR B 347 -10.76 28.10 -13.46
N ASN B 348 -11.14 27.96 -14.73
CA ASN B 348 -11.74 26.72 -15.21
C ASN B 348 -10.82 25.53 -14.99
N TYR B 349 -9.52 25.71 -15.25
CA TYR B 349 -8.56 24.63 -15.11
C TYR B 349 -8.61 24.02 -13.71
N TRP B 350 -8.55 24.86 -12.67
CA TRP B 350 -8.52 24.35 -11.31
C TRP B 350 -9.90 23.97 -10.80
N GLU B 351 -10.95 24.62 -11.31
CA GLU B 351 -12.30 24.21 -10.92
C GLU B 351 -12.61 22.79 -11.40
N LEU B 352 -12.29 22.52 -12.66
CA LEU B 352 -12.47 21.19 -13.21
C LEU B 352 -11.79 20.14 -12.34
N ARG B 353 -10.59 20.45 -11.85
CA ARG B 353 -9.79 19.51 -11.05
C ARG B 353 -10.20 19.49 -9.57
N GLY B 354 -11.05 20.42 -9.13
CA GLY B 354 -11.68 20.31 -7.83
C GLY B 354 -11.05 21.12 -6.72
N VAL B 355 -10.09 21.98 -7.01
CA VAL B 355 -9.39 22.70 -5.94
C VAL B 355 -10.41 23.51 -5.15
N PRO B 356 -10.45 23.39 -3.81
CA PRO B 356 -11.57 24.01 -3.07
C PRO B 356 -11.48 25.51 -2.92
N LEU B 357 -10.30 26.11 -2.98
CA LEU B 357 -10.17 27.54 -2.72
C LEU B 357 -9.21 28.17 -3.71
N ARG B 358 -9.63 29.28 -4.29
CA ARG B 358 -8.80 30.08 -5.17
C ARG B 358 -8.56 31.44 -4.54
N ILE B 359 -7.31 31.90 -4.58
CA ILE B 359 -6.92 33.25 -4.17
C ILE B 359 -6.47 34.00 -5.42
N GLU B 360 -7.14 35.12 -5.71
CA GLU B 360 -6.79 35.98 -6.83
C GLU B 360 -6.12 37.23 -6.29
N VAL B 361 -4.94 37.56 -6.84
CA VAL B 361 -4.16 38.72 -6.40
C VAL B 361 -4.00 39.64 -7.59
N GLY B 362 -4.69 40.78 -7.57
CA GLY B 362 -4.55 41.79 -8.59
C GLY B 362 -4.13 43.13 -8.03
N PRO B 363 -3.59 44.00 -8.90
CA PRO B 363 -3.08 45.29 -8.41
C PRO B 363 -4.14 46.14 -7.71
N LYS B 364 -5.37 46.13 -8.22
CA LYS B 364 -6.44 46.87 -7.57
C LYS B 364 -6.73 46.30 -6.19
N ASP B 365 -6.62 44.99 -6.02
CA ASP B 365 -6.78 44.39 -4.70
C ASP B 365 -5.66 44.82 -3.76
N LEU B 366 -4.41 44.74 -4.22
CA LEU B 366 -3.29 45.14 -3.36
C LEU B 366 -3.36 46.61 -2.99
N GLU B 367 -3.95 47.45 -3.84
CA GLU B 367 -4.11 48.86 -3.51
C GLU B 367 -5.15 49.06 -2.41
N LYS B 368 -5.94 48.05 -2.10
CA LYS B 368 -6.83 48.08 -0.94
C LYS B 368 -6.36 47.10 0.14
N GLN B 369 -5.09 46.70 0.07
CA GLN B 369 -4.48 45.77 1.02
C GLN B 369 -5.42 44.59 1.29
N GLN B 370 -5.92 43.98 0.22
CA GLN B 370 -6.83 42.86 0.30
C GLN B 370 -6.51 41.87 -0.82
N ILE B 371 -7.04 40.65 -0.66
CA ILE B 371 -7.01 39.62 -1.70
C ILE B 371 -8.45 39.17 -1.95
N MET B 372 -8.66 38.55 -3.11
CA MET B 372 -9.96 38.04 -3.49
C MET B 372 -9.98 36.52 -3.41
N LEU B 373 -11.01 35.98 -2.74
CA LEU B 373 -11.16 34.54 -2.56
C LEU B 373 -12.40 34.06 -3.30
N CYS B 374 -12.35 32.80 -3.75
CA CYS B 374 -13.48 32.17 -4.40
C CYS B 374 -13.53 30.71 -4.00
N ARG B 375 -14.64 30.29 -3.39
CA ARG B 375 -14.76 28.93 -2.90
C ARG B 375 -15.46 28.04 -3.93
N ARG B 376 -14.94 26.83 -4.09
CA ARG B 376 -15.35 25.94 -5.18
C ARG B 376 -16.78 25.42 -4.98
N ASP B 377 -17.18 25.16 -3.75
CA ASP B 377 -18.45 24.45 -3.53
C ASP B 377 -19.66 25.32 -3.87
N THR B 378 -19.64 26.59 -3.48
CA THR B 378 -20.74 27.49 -3.77
C THR B 378 -20.43 28.51 -4.86
N GLY B 379 -19.17 28.68 -5.23
CA GLY B 379 -18.81 29.72 -6.18
C GLY B 379 -18.72 31.12 -5.60
N GLU B 380 -18.96 31.28 -4.29
CA GLU B 380 -18.95 32.60 -3.70
C GLU B 380 -17.57 33.25 -3.78
N LYS B 381 -17.57 34.55 -4.11
CA LYS B 381 -16.35 35.35 -4.13
C LYS B 381 -16.43 36.43 -3.06
N TRP B 382 -15.31 36.67 -2.37
CA TRP B 382 -15.30 37.66 -1.31
C TRP B 382 -13.86 38.12 -1.05
N THR B 383 -13.72 39.30 -0.47
CA THR B 383 -12.41 39.87 -0.20
C THR B 383 -11.98 39.59 1.24
N MET B 384 -10.67 39.46 1.42
CA MET B 384 -10.07 39.29 2.75
C MET B 384 -8.97 40.34 2.87
N PRO B 385 -9.00 41.20 3.89
CA PRO B 385 -7.89 42.14 4.09
C PRO B 385 -6.59 41.39 4.33
N LEU B 386 -5.49 41.96 3.85
CA LEU B 386 -4.19 41.34 4.10
C LEU B 386 -3.94 41.18 5.60
N SER B 387 -4.40 42.13 6.41
CA SER B 387 -4.19 42.04 7.85
C SER B 387 -4.91 40.85 8.47
N GLU B 388 -5.91 40.29 7.79
CA GLU B 388 -6.59 39.11 8.28
C GLU B 388 -6.07 37.82 7.66
N PHE B 389 -5.17 37.92 6.67
CA PHE B 389 -4.66 36.76 5.96
C PHE B 389 -3.54 36.10 6.76
N SER B 390 -3.63 34.79 6.91
CA SER B 390 -2.62 33.98 7.58
C SER B 390 -2.91 32.53 7.23
N GLY B 391 -1.93 31.66 7.50
CA GLY B 391 -2.19 30.24 7.39
C GLY B 391 -3.41 29.81 8.19
N ASP B 392 -3.51 30.30 9.43
CA ASP B 392 -4.64 29.89 10.26
C ASP B 392 -5.96 30.37 9.69
N SER B 393 -6.01 31.60 9.16
CA SER B 393 -7.31 32.08 8.67
C SER B 393 -7.71 31.37 7.41
N ILE B 394 -6.75 30.99 6.56
CA ILE B 394 -7.09 30.21 5.37
C ILE B 394 -7.52 28.80 5.76
N LYS B 395 -6.87 28.21 6.78
CA LYS B 395 -7.35 26.92 7.27
C LYS B 395 -8.79 27.01 7.76
N ALA B 396 -9.14 28.12 8.41
CA ALA B 396 -10.50 28.29 8.88
C ALA B 396 -11.49 28.38 7.70
N VAL B 397 -11.08 29.02 6.61
CA VAL B 397 -11.90 29.05 5.40
C VAL B 397 -12.09 27.64 4.86
N LEU B 398 -10.99 26.87 4.79
CA LEU B 398 -11.10 25.51 4.29
C LEU B 398 -12.02 24.67 5.17
N ASP B 399 -11.97 24.87 6.49
CA ASP B 399 -12.87 24.14 7.37
C ASP B 399 -14.31 24.55 7.15
N LYS B 400 -14.54 25.83 6.88
CA LYS B 400 -15.89 26.30 6.58
C LYS B 400 -16.42 25.62 5.33
N ILE B 401 -15.58 25.48 4.30
CA ILE B 401 -15.99 24.79 3.08
C ILE B 401 -16.32 23.33 3.37
N HIS B 402 -15.47 22.65 4.14
CA HIS B 402 -15.78 21.27 4.54
C HIS B 402 -17.14 21.18 5.22
N ASP B 403 -17.35 22.03 6.24
CA ASP B 403 -18.61 22.00 6.98
C ASP B 403 -19.80 22.24 6.07
N SER B 404 -19.68 23.18 5.12
CA SER B 404 -20.79 23.49 4.23
C SER B 404 -21.11 22.31 3.33
N MET B 405 -20.06 21.67 2.79
CA MET B 405 -20.24 20.52 1.92
C MET B 405 -20.95 19.38 2.65
N LEU B 406 -20.51 19.12 3.89
CA LEU B 406 -21.14 18.05 4.67
C LEU B 406 -22.57 18.42 5.04
N ASN B 407 -22.79 19.66 5.46
CA ASN B 407 -24.13 20.08 5.88
C ASN B 407 -25.10 20.07 4.72
N LYS B 408 -24.65 20.50 3.53
CA LYS B 408 -25.53 20.48 2.37
C LYS B 408 -25.92 19.05 2.02
N ALA B 409 -24.95 18.14 2.02
CA ALA B 409 -25.23 16.75 1.66
C ALA B 409 -26.15 16.11 2.69
N ARG B 410 -25.95 16.41 3.97
CA ARG B 410 -26.80 15.83 5.01
C ARG B 410 -28.22 16.35 4.92
N LYS B 411 -28.39 17.66 4.65
CA LYS B 411 -29.72 18.22 4.52
C LYS B 411 -30.49 17.56 3.38
N GLU B 412 -29.82 17.40 2.23
CA GLU B 412 -30.45 16.73 1.09
C GLU B 412 -30.81 15.30 1.43
N MET B 413 -29.90 14.57 2.07
CA MET B 413 -30.17 13.18 2.39
C MET B 413 -31.38 13.07 3.33
N ASN B 414 -31.42 13.90 4.37
CA ASN B 414 -32.54 13.81 5.32
C ASN B 414 -33.86 14.16 4.66
N GLU B 415 -33.85 15.11 3.72
CA GLU B 415 -35.07 15.46 3.00
C GLU B 415 -35.55 14.32 2.11
N ARG B 416 -34.66 13.38 1.78
CA ARG B 416 -34.99 12.26 0.91
C ARG B 416 -35.12 10.96 1.68
N ILE B 417 -35.30 11.03 2.99
CA ILE B 417 -35.75 9.90 3.79
C ILE B 417 -37.20 10.14 4.17
N VAL B 418 -38.09 9.26 3.68
CA VAL B 418 -39.53 9.39 3.84
C VAL B 418 -40.02 8.26 4.71
N VAL B 419 -40.78 8.59 5.75
CA VAL B 419 -41.47 7.58 6.53
C VAL B 419 -42.66 7.09 5.72
N THR B 420 -42.68 5.80 5.38
CA THR B 420 -43.71 5.22 4.52
C THR B 420 -44.38 4.08 5.27
N ARG B 421 -45.54 4.36 5.87
CA ARG B 421 -46.23 3.38 6.69
C ARG B 421 -47.04 2.37 5.86
N THR B 422 -47.33 2.69 4.60
CA THR B 422 -48.21 1.86 3.79
C THR B 422 -47.57 1.64 2.42
N TRP B 423 -48.04 0.62 1.72
CA TRP B 423 -47.44 0.31 0.43
C TRP B 423 -47.60 1.46 -0.57
N PRO B 424 -48.77 2.08 -0.73
CA PRO B 424 -48.84 3.21 -1.68
C PRO B 424 -47.86 4.32 -1.37
N GLU B 425 -47.66 4.65 -0.09
CA GLU B 425 -46.65 5.65 0.25
C GLU B 425 -45.26 5.18 -0.12
N PHE B 426 -45.00 3.88 0.08
CA PHE B 426 -43.67 3.32 -0.15
C PHE B 426 -43.30 3.38 -1.64
N ILE B 427 -44.18 2.87 -2.51
CA ILE B 427 -43.81 2.84 -3.93
C ILE B 427 -43.76 4.26 -4.49
N LYS B 428 -44.62 5.17 -4.00
CA LYS B 428 -44.52 6.57 -4.44
C LYS B 428 -43.17 7.17 -4.07
N ALA B 429 -42.76 7.05 -2.80
CA ALA B 429 -41.49 7.62 -2.37
C ALA B 429 -40.31 6.95 -3.08
N LEU B 430 -40.38 5.63 -3.26
CA LEU B 430 -39.27 4.93 -3.93
C LEU B 430 -39.08 5.42 -5.35
N ASN B 431 -40.16 5.47 -6.13
CA ASN B 431 -40.07 5.88 -7.54
C ASN B 431 -39.72 7.35 -7.71
N SER B 432 -39.86 8.16 -6.67
CA SER B 432 -39.44 9.56 -6.77
CA SER B 432 -39.44 9.56 -6.72
C SER B 432 -38.01 9.76 -6.24
N GLY B 433 -37.27 8.68 -6.05
CA GLY B 433 -35.87 8.79 -5.65
C GLY B 433 -35.63 9.02 -4.18
N ASN B 434 -36.49 8.54 -3.31
CA ASN B 434 -36.28 8.62 -1.88
C ASN B 434 -35.89 7.27 -1.30
N MET B 435 -35.20 7.31 -0.16
CA MET B 435 -35.11 6.18 0.72
C MET B 435 -36.34 6.15 1.61
N CYS B 436 -36.76 4.96 1.98
CA CYS B 436 -38.02 4.76 2.71
C CYS B 436 -37.74 4.09 4.05
N LEU B 437 -38.31 4.65 5.11
CA LEU B 437 -38.30 4.06 6.43
C LEU B 437 -39.63 3.34 6.61
N ILE B 438 -39.58 2.01 6.71
CA ILE B 438 -40.80 1.20 6.76
C ILE B 438 -40.92 0.49 8.11
N PRO B 439 -42.13 0.21 8.55
CA PRO B 439 -42.32 -0.72 9.68
C PRO B 439 -41.79 -2.09 9.28
N TRP B 440 -41.02 -2.70 10.17
CA TRP B 440 -40.26 -3.89 9.79
C TRP B 440 -40.38 -4.97 10.86
N HIS B 441 -40.63 -6.20 10.42
CA HIS B 441 -40.42 -7.38 11.25
C HIS B 441 -39.55 -8.34 10.47
N GLU B 442 -38.36 -8.61 11.01
CA GLU B 442 -37.33 -9.32 10.25
C GLU B 442 -37.85 -10.66 9.72
N SER B 443 -37.66 -10.85 8.41
CA SER B 443 -38.02 -12.07 7.72
C SER B 443 -37.39 -12.04 6.34
N LYS B 444 -36.68 -13.09 5.95
CA LYS B 444 -36.10 -13.10 4.60
C LYS B 444 -37.21 -13.11 3.56
N ALA B 445 -38.31 -13.80 3.85
CA ALA B 445 -39.41 -13.86 2.89
C ALA B 445 -40.06 -12.49 2.72
N ALA B 446 -40.21 -11.72 3.80
CA ALA B 446 -40.75 -10.37 3.68
C ALA B 446 -39.83 -9.50 2.84
N GLU B 447 -38.52 -9.63 3.04
CA GLU B 447 -37.59 -8.82 2.28
C GLU B 447 -37.66 -9.15 0.79
N GLU B 448 -37.73 -10.44 0.46
CA GLU B 448 -37.84 -10.82 -0.94
C GLU B 448 -39.17 -10.37 -1.55
N TYR B 449 -40.26 -10.48 -0.78
CA TYR B 449 -41.54 -9.96 -1.23
C TYR B 449 -41.45 -8.49 -1.61
N ILE B 450 -40.86 -7.67 -0.72
CA ILE B 450 -40.75 -6.24 -0.98
C ILE B 450 -39.89 -5.99 -2.20
N LYS B 451 -38.81 -6.75 -2.35
CA LYS B 451 -37.92 -6.58 -3.50
C LYS B 451 -38.65 -6.86 -4.81
N GLU B 452 -39.38 -7.98 -4.88
CA GLU B 452 -40.01 -8.29 -6.15
CA GLU B 452 -40.07 -8.34 -6.13
C GLU B 452 -41.25 -7.43 -6.40
N LYS B 453 -42.03 -7.12 -5.36
CA LYS B 453 -43.20 -6.26 -5.53
C LYS B 453 -42.77 -4.87 -6.00
N SER B 454 -41.75 -4.29 -5.35
CA SER B 454 -41.27 -2.97 -5.76
C SER B 454 -40.66 -3.00 -7.15
N LYS B 455 -39.92 -4.06 -7.50
CA LYS B 455 -39.32 -4.14 -8.83
C LYS B 455 -40.39 -4.04 -9.91
N LEU B 456 -41.48 -4.81 -9.75
CA LEU B 456 -42.53 -4.84 -10.75
C LEU B 456 -43.20 -3.49 -10.92
N GLU B 457 -43.29 -2.70 -9.84
CA GLU B 457 -43.97 -1.41 -9.88
C GLU B 457 -43.01 -0.24 -10.07
N SER B 458 -41.74 -0.50 -10.36
CA SER B 458 -40.71 0.53 -10.33
C SER B 458 -40.52 1.20 -11.69
N VAL B 459 -39.99 2.43 -11.64
CA VAL B 459 -39.48 3.14 -12.81
C VAL B 459 -38.09 3.65 -12.46
N GLN B 460 -37.25 3.79 -13.49
CA GLN B 460 -35.93 4.37 -13.30
C GLN B 460 -35.49 5.04 -14.58
N SER B 461 -34.45 5.88 -14.47
CA SER B 461 -33.93 6.61 -15.61
C SER B 461 -33.28 5.67 -16.63
N GLN B 462 -33.19 6.14 -17.87
CA GLN B 462 -32.50 5.37 -18.90
C GLN B 462 -31.03 5.19 -18.56
N SER B 463 -30.41 6.22 -17.98
CA SER B 463 -29.00 6.10 -17.57
C SER B 463 -28.83 5.00 -16.54
N ASP B 464 -29.72 4.93 -15.55
CA ASP B 464 -29.65 3.86 -14.56
C ASP B 464 -29.86 2.50 -15.21
N ALA B 465 -30.84 2.38 -16.10
CA ALA B 465 -31.04 1.12 -16.79
C ALA B 465 -29.80 0.69 -17.57
N ASN B 466 -29.17 1.65 -18.26
CA ASN B 466 -27.97 1.33 -19.03
C ASN B 466 -26.78 0.97 -18.15
N THR B 467 -26.78 1.40 -16.89
CA THR B 467 -25.73 1.08 -15.93
C THR B 467 -25.94 -0.29 -15.28
N GLY B 468 -26.95 -1.03 -15.73
CA GLY B 468 -27.30 -2.32 -15.16
C GLY B 468 -27.99 -2.27 -13.83
N LEU B 469 -28.55 -1.13 -13.45
CA LEU B 469 -29.23 -0.98 -12.16
C LEU B 469 -30.71 -1.34 -12.31
N THR B 470 -31.39 -1.50 -11.18
CA THR B 470 -32.82 -1.79 -11.17
CA THR B 470 -32.80 -1.81 -11.14
C THR B 470 -33.54 -0.83 -10.25
N GLY B 471 -34.84 -0.73 -10.45
CA GLY B 471 -35.69 0.07 -9.61
C GLY B 471 -36.17 -0.65 -8.36
N ALA B 472 -35.73 -1.89 -8.16
CA ALA B 472 -36.13 -2.66 -6.98
C ALA B 472 -35.64 -2.00 -5.69
N ALA B 473 -36.47 -2.07 -4.66
CA ALA B 473 -36.05 -1.64 -3.33
C ALA B 473 -35.31 -2.78 -2.65
N LYS B 474 -34.13 -2.47 -2.10
CA LYS B 474 -33.30 -3.38 -1.34
C LYS B 474 -33.34 -2.95 0.11
N SER B 475 -33.19 -3.89 1.05
CA SER B 475 -32.99 -3.48 2.43
C SER B 475 -31.60 -2.84 2.54
N LEU B 476 -31.54 -1.67 3.17
CA LEU B 476 -30.29 -0.96 3.33
C LEU B 476 -29.71 -1.21 4.72
N CYS B 477 -30.46 -0.87 5.76
CA CYS B 477 -30.07 -1.21 7.13
C CYS B 477 -31.25 -0.96 8.04
N VAL B 478 -31.21 -1.57 9.22
CA VAL B 478 -32.04 -1.16 10.34
C VAL B 478 -31.24 -0.13 11.13
N PRO B 479 -31.60 1.15 11.09
CA PRO B 479 -30.72 2.16 11.70
C PRO B 479 -30.49 1.87 13.17
N LEU B 480 -29.26 2.13 13.62
CA LEU B 480 -28.92 1.90 15.03
C LEU B 480 -29.74 2.78 15.95
N ASP B 481 -29.92 4.04 15.56
CA ASP B 481 -30.61 5.02 16.39
C ASP B 481 -32.05 5.10 15.88
N GLN B 482 -32.96 4.48 16.63
CA GLN B 482 -34.38 4.49 16.31
C GLN B 482 -35.15 5.54 17.09
N SER B 483 -34.45 6.42 17.83
CA SER B 483 -35.13 7.24 18.82
C SER B 483 -35.96 8.35 18.20
N SER B 484 -35.55 8.87 17.05
CA SER B 484 -36.30 9.93 16.38
C SER B 484 -37.45 9.40 15.52
N PHE B 485 -37.70 8.08 15.50
CA PHE B 485 -38.67 7.56 14.56
C PHE B 485 -40.08 7.54 15.17
N PRO B 486 -41.11 7.46 14.33
CA PRO B 486 -42.49 7.52 14.83
C PRO B 486 -42.90 6.23 15.53
N SER B 487 -44.10 6.26 16.11
CA SER B 487 -44.66 5.10 16.77
C SER B 487 -44.96 3.97 15.78
N LEU B 488 -44.72 2.73 16.21
CA LEU B 488 -45.06 1.55 15.45
C LEU B 488 -46.44 0.99 15.81
N GLU B 489 -47.13 1.61 16.77
CA GLU B 489 -48.40 1.07 17.24
C GLU B 489 -49.41 1.03 16.10
N GLY B 490 -50.04 -0.12 15.91
CA GLY B 490 -51.06 -0.28 14.90
C GLY B 490 -50.57 -0.37 13.46
N LEU B 491 -49.27 -0.37 13.22
CA LEU B 491 -48.79 -0.48 11.85
C LEU B 491 -48.80 -1.93 11.40
N GLU B 492 -48.93 -2.13 10.09
CA GLU B 492 -49.10 -3.43 9.49
C GLU B 492 -47.81 -3.89 8.81
N ASN B 493 -47.54 -5.18 8.91
CA ASN B 493 -46.45 -5.78 8.16
C ASN B 493 -46.67 -5.56 6.66
N PHE B 494 -45.61 -5.20 5.93
CA PHE B 494 -45.73 -5.05 4.49
C PHE B 494 -45.99 -6.38 3.78
N TYR B 495 -45.61 -7.49 4.40
CA TYR B 495 -45.76 -8.83 3.83
C TYR B 495 -47.03 -9.46 4.36
N PRO B 496 -48.12 -9.53 3.58
CA PRO B 496 -49.40 -9.99 4.13
C PRO B 496 -49.35 -11.41 4.68
N GLU B 497 -48.51 -12.28 4.13
CA GLU B 497 -48.42 -13.65 4.61
C GLU B 497 -47.91 -13.72 6.04
N GLU B 498 -47.24 -12.67 6.52
CA GLU B 498 -46.79 -12.58 7.90
C GLU B 498 -47.46 -11.44 8.65
N ALA B 499 -48.76 -11.23 8.37
CA ALA B 499 -49.49 -10.14 9.02
C ALA B 499 -49.53 -10.28 10.53
N HIS B 500 -49.48 -11.51 11.04
CA HIS B 500 -49.48 -11.68 12.49
C HIS B 500 -48.14 -11.34 13.13
N LYS B 501 -47.07 -11.17 12.36
CA LYS B 501 -45.77 -10.75 12.90
C LYS B 501 -45.74 -9.22 12.88
N LYS B 502 -45.98 -8.60 14.03
CA LYS B 502 -46.13 -7.16 14.06
C LYS B 502 -44.78 -6.47 13.89
N PRO B 503 -44.74 -5.35 13.17
CA PRO B 503 -43.51 -4.54 13.09
C PRO B 503 -42.98 -4.22 14.48
N ASN B 504 -41.65 -4.40 14.65
CA ASN B 504 -41.03 -4.09 15.94
C ASN B 504 -39.84 -3.16 15.81
N CYS B 505 -39.56 -2.64 14.61
CA CYS B 505 -38.55 -1.61 14.40
C CYS B 505 -38.83 -0.95 13.07
N TRP B 506 -38.03 0.08 12.76
CA TRP B 506 -38.05 0.73 11.45
C TRP B 506 -36.84 0.28 10.65
N ALA B 507 -37.05 -0.05 9.38
CA ALA B 507 -35.96 -0.41 8.47
C ALA B 507 -35.88 0.58 7.33
N LEU B 508 -34.66 0.83 6.88
CA LEU B 508 -34.41 1.69 5.73
C LEU B 508 -34.30 0.83 4.48
N PHE B 509 -35.15 1.11 3.50
CA PHE B 509 -35.14 0.44 2.20
C PHE B 509 -34.98 1.49 1.10
N GLY B 510 -34.44 1.07 -0.04
CA GLY B 510 -34.30 2.00 -1.15
C GLY B 510 -33.66 1.33 -2.34
N ARG B 511 -33.64 2.06 -3.45
CA ARG B 511 -32.84 1.62 -4.58
C ARG B 511 -31.35 1.70 -4.20
N SER B 512 -30.53 0.92 -4.90
CA SER B 512 -29.12 0.87 -4.51
CA SER B 512 -29.13 0.79 -4.51
C SER B 512 -28.25 0.67 -5.75
N TYR B 513 -26.93 0.85 -5.54
CA TYR B 513 -25.95 0.43 -6.54
C TYR B 513 -25.67 -1.04 -6.31
#